data_6DXY
#
_entry.id   6DXY
#
_cell.length_a   202.205
_cell.length_b   202.205
_cell.length_c   45.596
_cell.angle_alpha   90.00
_cell.angle_beta   90.00
_cell.angle_gamma   120.00
#
_symmetry.space_group_name_H-M   'H 3'
#
loop_
_entity.id
_entity.type
_entity.pdbx_description
1 polymer 'N-acylethanolamine-hydrolyzing acid amidase subunit alpha'
2 polymer 'N-acylethanolamine-hydrolyzing acid amidase subunit beta'
3 non-polymer 2-acetamido-2-deoxy-beta-D-glucopyranose
4 non-polymer 'CHLORIDE ION'
5 non-polymer 'TETRAETHYLENE GLYCOL'
6 non-polymer 3,6,9,12,15,18-HEXAOXAICOSANE-1,20-DIOL
7 water water
#
loop_
_entity_poly.entity_id
_entity_poly.type
_entity_poly.pdbx_seq_one_letter_code
_entity_poly.pdbx_strand_id
1 'polypeptide(L)'
;DRHHHHHHKLVPGTPPLFNVSLDVAPEQRWLPMLRHYDPDFLRTAVAQVIGDRVPQWVLGMVGEIVSKVESFLPQPFTDE
IRSICDSLSLSLADGILVNLAYEASAF
;
A,C
2 'polypeptide(L)'
;(OCS)TSIVAQDSQGRIYHGRNLDYPFGKILRKLTADVQFIKNGQIAFTGTTFVGYVGLWTGQSPHKFTISGDERDKGWW
WENMIAALSLGHSPISWLIRKTLSESESFEAAVYTLAKTPLIADVYYIVGGTSPKEGVVITRDRGGPADIWPLDPLNGEW
FRVETNYDHWKPAPKVDDRRTPAIKALNATGQAHLNLETLFQVLSLFPVYNSYTIYTTVMSAAEPDKYLTMIRNPS
;
B,D
#
# COMPACT_ATOMS: atom_id res chain seq x y z
N VAL A 11 5.75 -35.29 27.23
CA VAL A 11 7.02 -34.57 27.28
C VAL A 11 7.72 -34.64 25.92
N PRO A 12 8.12 -35.83 25.48
CA PRO A 12 8.91 -35.92 24.23
C PRO A 12 8.11 -35.38 23.05
N GLY A 13 8.79 -34.60 22.21
CA GLY A 13 8.18 -33.99 21.05
C GLY A 13 7.55 -32.64 21.31
N THR A 14 7.42 -32.22 22.57
CA THR A 14 6.90 -30.90 22.85
C THR A 14 7.99 -29.85 22.67
N PRO A 15 7.61 -28.61 22.39
CA PRO A 15 8.61 -27.56 22.24
C PRO A 15 9.17 -27.13 23.57
N PRO A 16 10.28 -26.40 23.58
CA PRO A 16 10.70 -25.73 24.80
C PRO A 16 9.62 -24.79 25.31
N LEU A 17 9.56 -24.65 26.64
CA LEU A 17 8.59 -23.78 27.29
C LEU A 17 9.31 -22.57 27.88
N PHE A 18 8.83 -21.38 27.54
CA PHE A 18 9.40 -20.15 28.04
C PHE A 18 8.35 -19.30 28.72
N ASN A 19 8.78 -18.59 29.76
CA ASN A 19 7.99 -17.52 30.35
C ASN A 19 8.38 -16.20 29.71
N VAL A 20 7.38 -15.40 29.34
CA VAL A 20 7.59 -14.03 28.89
C VAL A 20 6.73 -13.13 29.75
N SER A 21 7.35 -12.17 30.43
CA SER A 21 6.66 -11.32 31.38
C SER A 21 6.21 -10.04 30.70
N LEU A 22 4.90 -9.80 30.70
CA LEU A 22 4.39 -8.55 30.18
C LEU A 22 4.60 -7.39 31.14
N ASP A 23 5.01 -7.67 32.38
CA ASP A 23 5.37 -6.63 33.33
C ASP A 23 6.80 -6.12 33.13
N VAL A 24 7.63 -6.89 32.45
CA VAL A 24 8.93 -6.43 32.01
C VAL A 24 8.76 -5.58 30.75
N ALA A 25 9.67 -4.63 30.55
CA ALA A 25 9.52 -3.68 29.46
C ALA A 25 9.52 -4.40 28.10
N PRO A 26 8.79 -3.86 27.11
CA PRO A 26 8.78 -4.49 25.78
C PRO A 26 10.16 -4.75 25.20
N GLU A 27 11.12 -3.85 25.40
CA GLU A 27 12.44 -4.06 24.80
C GLU A 27 13.31 -5.02 25.60
N GLN A 28 12.81 -5.59 26.71
CA GLN A 28 13.55 -6.58 27.47
C GLN A 28 12.87 -7.94 27.58
N ARG A 29 11.55 -8.02 27.40
CA ARG A 29 10.82 -9.21 27.83
C ARG A 29 11.11 -10.45 26.97
N TRP A 30 11.58 -10.30 25.74
CA TRP A 30 11.93 -11.44 24.90
C TRP A 30 13.40 -11.86 25.02
N LEU A 31 14.25 -11.05 25.63
CA LEU A 31 15.67 -11.32 25.59
C LEU A 31 16.04 -12.59 26.35
N PRO A 32 15.43 -12.87 27.51
CA PRO A 32 15.70 -14.16 28.17
C PRO A 32 15.51 -15.34 27.22
N MET A 33 14.40 -15.34 26.48
CA MET A 33 14.16 -16.42 25.53
CA MET A 33 14.15 -16.42 25.53
C MET A 33 15.23 -16.44 24.44
N LEU A 34 15.54 -15.27 23.87
CA LEU A 34 16.55 -15.22 22.82
C LEU A 34 17.89 -15.76 23.28
N ARG A 35 18.24 -15.59 24.56
CA ARG A 35 19.52 -16.08 25.04
C ARG A 35 19.66 -17.60 24.94
N HIS A 36 18.59 -18.31 24.63
CA HIS A 36 18.67 -19.77 24.51
C HIS A 36 19.03 -20.24 23.10
N TYR A 37 19.24 -19.32 22.17
CA TYR A 37 19.42 -19.68 20.76
C TYR A 37 20.70 -19.06 20.23
N ASP A 38 21.30 -19.73 19.26
CA ASP A 38 22.50 -19.23 18.62
C ASP A 38 22.13 -18.09 17.67
N PRO A 39 22.68 -16.89 17.84
CA PRO A 39 22.27 -15.77 16.98
C PRO A 39 22.53 -16.03 15.51
N ASP A 40 23.66 -16.65 15.17
CA ASP A 40 23.92 -16.97 13.77
C ASP A 40 22.83 -17.85 13.21
N PHE A 41 22.39 -18.85 13.98
CA PHE A 41 21.30 -19.70 13.54
C PHE A 41 20.05 -18.87 13.27
N LEU A 42 19.61 -18.08 14.27
CA LEU A 42 18.42 -17.26 14.07
C LEU A 42 18.57 -16.34 12.88
N ARG A 43 19.74 -15.74 12.72
CA ARG A 43 19.95 -14.81 11.60
C ARG A 43 19.72 -15.51 10.27
N THR A 44 20.33 -16.69 10.08
CA THR A 44 20.15 -17.39 8.82
C THR A 44 18.69 -17.82 8.65
N ALA A 45 18.04 -18.24 9.74
CA ALA A 45 16.63 -18.59 9.68
C ALA A 45 15.80 -17.41 9.20
N VAL A 46 16.05 -16.22 9.76
CA VAL A 46 15.33 -15.02 9.32
C VAL A 46 15.57 -14.77 7.84
N ALA A 47 16.83 -14.88 7.40
CA ALA A 47 17.14 -14.66 5.99
C ALA A 47 16.40 -15.65 5.10
N GLN A 48 16.36 -16.92 5.53
CA GLN A 48 15.61 -17.92 4.77
C GLN A 48 14.16 -17.49 4.59
N VAL A 49 13.45 -17.32 5.69
CA VAL A 49 12.03 -16.95 5.63
C VAL A 49 11.84 -15.73 4.74
N ILE A 50 12.62 -14.68 4.99
CA ILE A 50 12.52 -13.50 4.13
C ILE A 50 12.84 -13.86 2.70
N GLY A 51 13.75 -14.81 2.48
CA GLY A 51 14.14 -15.20 1.15
C GLY A 51 13.01 -15.81 0.35
N ASP A 52 12.43 -16.90 0.86
CA ASP A 52 11.43 -17.66 0.13
C ASP A 52 10.00 -17.31 0.53
N ARG A 53 9.79 -16.22 1.28
CA ARG A 53 8.45 -15.73 1.57
C ARG A 53 8.22 -14.28 1.20
N VAL A 54 9.27 -13.49 0.99
CA VAL A 54 9.11 -12.07 0.70
C VAL A 54 9.60 -11.80 -0.71
N PRO A 55 8.71 -11.71 -1.71
CA PRO A 55 9.18 -11.46 -3.08
C PRO A 55 10.03 -10.20 -3.17
N GLN A 56 10.93 -10.21 -4.16
CA GLN A 56 11.97 -9.19 -4.21
C GLN A 56 11.40 -7.79 -4.36
N TRP A 57 10.25 -7.64 -5.02
CA TRP A 57 9.66 -6.32 -5.11
C TRP A 57 9.33 -5.78 -3.74
N VAL A 58 9.04 -6.65 -2.78
CA VAL A 58 8.76 -6.21 -1.42
C VAL A 58 10.02 -5.66 -0.77
N LEU A 59 11.14 -6.37 -0.93
CA LEU A 59 12.40 -5.89 -0.37
C LEU A 59 12.80 -4.53 -0.93
N GLY A 60 12.35 -4.22 -2.16
CA GLY A 60 12.74 -2.96 -2.77
C GLY A 60 12.22 -1.75 -2.02
N MET A 61 11.01 -1.85 -1.48
CA MET A 61 10.38 -0.75 -0.76
C MET A 61 10.38 -0.98 0.75
N VAL A 62 11.19 -1.92 1.22
CA VAL A 62 11.16 -2.30 2.63
C VAL A 62 11.31 -1.09 3.54
N GLY A 63 12.09 -0.10 3.11
CA GLY A 63 12.19 1.13 3.88
C GLY A 63 10.84 1.76 4.12
N GLU A 64 9.99 1.80 3.08
CA GLU A 64 8.63 2.30 3.25
C GLU A 64 7.89 1.52 4.34
N ILE A 65 7.99 0.19 4.28
CA ILE A 65 7.27 -0.64 5.25
C ILE A 65 7.69 -0.28 6.67
N VAL A 66 8.99 -0.08 6.90
CA VAL A 66 9.46 0.31 8.23
C VAL A 66 8.85 1.64 8.64
N SER A 67 8.64 2.54 7.68
CA SER A 67 8.14 3.86 8.00
C SER A 67 6.72 3.79 8.56
N LYS A 68 5.83 3.08 7.86
CA LYS A 68 4.44 3.02 8.29
C LYS A 68 4.29 2.34 9.63
N VAL A 69 5.00 1.22 9.82
CA VAL A 69 4.92 0.48 11.09
C VAL A 69 5.26 1.39 12.25
N GLU A 70 6.40 2.06 12.18
CA GLU A 70 6.83 2.93 13.28
C GLU A 70 5.80 3.99 13.60
N SER A 71 5.06 4.46 12.59
CA SER A 71 4.06 5.49 12.81
C SER A 71 2.67 4.92 13.04
N PHE A 72 2.34 3.78 12.42
CA PHE A 72 0.99 3.25 12.45
C PHE A 72 0.85 1.96 13.24
N LEU A 73 1.94 1.39 13.76
CA LEU A 73 1.78 0.17 14.54
C LEU A 73 2.13 0.40 16.00
N PRO A 74 1.45 -0.29 16.91
CA PRO A 74 1.56 0.04 18.33
C PRO A 74 2.99 -0.14 18.83
N GLN A 75 3.41 0.78 19.69
CA GLN A 75 4.81 0.82 20.09
C GLN A 75 5.33 -0.47 20.71
N PRO A 76 4.55 -1.25 21.48
CA PRO A 76 5.13 -2.51 21.99
C PRO A 76 5.56 -3.45 20.89
N PHE A 77 4.67 -3.68 19.92
CA PHE A 77 5.02 -4.44 18.73
C PHE A 77 6.37 -4.00 18.18
N THR A 78 6.51 -2.71 17.89
CA THR A 78 7.76 -2.23 17.31
C THR A 78 8.90 -2.27 18.31
N ASP A 79 8.64 -1.91 19.57
CA ASP A 79 9.69 -1.93 20.58
C ASP A 79 10.21 -3.34 20.82
N GLU A 80 9.30 -4.31 20.91
CA GLU A 80 9.72 -5.70 21.04
C GLU A 80 10.56 -6.12 19.84
N ILE A 81 10.12 -5.77 18.63
CA ILE A 81 10.82 -6.24 17.43
C ILE A 81 12.19 -5.59 17.32
N ARG A 82 12.31 -4.30 17.64
CA ARG A 82 13.63 -3.68 17.53
CA ARG A 82 13.62 -3.66 17.55
C ARG A 82 14.60 -4.27 18.55
N SER A 83 14.12 -4.66 19.74
CA SER A 83 15.03 -5.27 20.70
C SER A 83 15.51 -6.62 20.21
N ILE A 84 14.68 -7.35 19.47
CA ILE A 84 15.10 -8.61 18.87
C ILE A 84 16.14 -8.35 17.78
N CYS A 85 15.90 -7.34 16.94
CA CYS A 85 16.81 -7.05 15.84
C CYS A 85 18.17 -6.61 16.35
N ASP A 86 18.20 -5.72 17.34
CA ASP A 86 19.47 -5.28 17.90
C ASP A 86 20.19 -6.44 18.56
N SER A 87 19.46 -7.34 19.22
CA SER A 87 20.10 -8.48 19.86
C SER A 87 20.73 -9.41 18.84
N LEU A 88 20.10 -9.56 17.68
CA LEU A 88 20.57 -10.49 16.64
C LEU A 88 21.33 -9.81 15.52
N SER A 89 21.59 -8.51 15.62
CA SER A 89 22.28 -7.77 14.57
C SER A 89 21.53 -7.85 13.23
N LEU A 90 20.22 -7.58 13.29
CA LEU A 90 19.39 -7.49 12.11
C LEU A 90 18.91 -6.07 11.93
N SER A 91 18.61 -5.71 10.68
CA SER A 91 17.93 -4.46 10.43
C SER A 91 16.53 -4.51 11.03
N LEU A 92 16.03 -3.35 11.46
CA LEU A 92 14.64 -3.30 11.90
C LEU A 92 13.71 -3.75 10.79
N ALA A 93 14.04 -3.36 9.55
CA ALA A 93 13.28 -3.81 8.39
C ALA A 93 13.13 -5.32 8.37
N ASP A 94 14.24 -6.05 8.57
CA ASP A 94 14.18 -7.51 8.53
C ASP A 94 13.32 -8.06 9.66
N GLY A 95 13.36 -7.43 10.84
CA GLY A 95 12.50 -7.89 11.93
C GLY A 95 11.04 -7.70 11.63
N ILE A 96 10.69 -6.52 11.10
CA ILE A 96 9.31 -6.25 10.72
C ILE A 96 8.87 -7.19 9.60
N LEU A 97 9.70 -7.32 8.57
CA LEU A 97 9.36 -8.21 7.46
C LEU A 97 9.08 -9.62 7.94
N VAL A 98 9.97 -10.19 8.76
CA VAL A 98 9.79 -11.57 9.18
C VAL A 98 8.54 -11.68 10.05
N ASN A 99 8.21 -10.63 10.80
CA ASN A 99 6.98 -10.62 11.58
C ASN A 99 5.74 -10.33 10.75
N LEU A 100 5.90 -9.78 9.55
CA LEU A 100 4.78 -9.65 8.62
C LEU A 100 4.79 -10.74 7.56
N ALA A 101 5.81 -11.59 7.53
CA ALA A 101 5.92 -12.60 6.49
C ALA A 101 4.82 -13.67 6.56
N TYR A 102 4.07 -13.75 7.66
CA TYR A 102 3.15 -14.85 7.85
C TYR A 102 1.69 -14.47 7.64
N GLU A 103 1.37 -13.18 7.49
CA GLU A 103 -0.02 -12.77 7.34
C GLU A 103 -0.71 -13.54 6.22
N ALA A 104 0.03 -14.15 5.32
CA ALA A 104 -0.53 -15.09 4.36
C ALA A 104 0.65 -15.82 3.70
N SER A 105 0.33 -16.67 2.73
CA SER A 105 1.35 -17.51 2.09
C SER A 105 2.04 -16.76 0.97
N THR B 2 -4.92 -26.22 9.35
CA THR B 2 -6.24 -26.72 9.66
C THR B 2 -6.55 -26.38 11.10
N SER B 3 -7.75 -25.86 11.33
CA SER B 3 -8.26 -25.60 12.67
C SER B 3 -9.60 -26.27 12.83
N ILE B 4 -9.83 -26.88 14.00
CA ILE B 4 -11.06 -27.58 14.31
C ILE B 4 -11.52 -27.16 15.70
N VAL B 5 -12.78 -26.79 15.82
CA VAL B 5 -13.42 -26.58 17.12
C VAL B 5 -14.66 -27.45 17.15
N ALA B 6 -14.89 -28.11 18.28
CA ALA B 6 -15.91 -29.14 18.36
C ALA B 6 -16.42 -29.26 19.78
N GLN B 7 -17.62 -29.82 19.90
CA GLN B 7 -18.30 -30.01 21.17
C GLN B 7 -18.66 -31.48 21.31
N ASP B 8 -18.31 -32.09 22.44
CA ASP B 8 -18.73 -33.47 22.66
C ASP B 8 -20.19 -33.50 23.13
N SER B 9 -20.73 -34.70 23.27
CA SER B 9 -22.16 -34.83 23.54
C SER B 9 -22.55 -34.25 24.88
N GLN B 10 -21.61 -34.09 25.80
CA GLN B 10 -21.89 -33.53 27.12
C GLN B 10 -21.76 -32.01 27.16
N GLY B 11 -21.28 -31.39 26.09
CA GLY B 11 -21.19 -29.95 26.00
C GLY B 11 -19.79 -29.38 26.16
N ARG B 12 -18.77 -30.21 26.29
CA ARG B 12 -17.41 -29.72 26.45
C ARG B 12 -16.83 -29.30 25.11
N ILE B 13 -16.04 -28.22 25.12
CA ILE B 13 -15.47 -27.65 23.90
C ILE B 13 -14.02 -28.05 23.78
N TYR B 14 -13.64 -28.52 22.60
CA TYR B 14 -12.27 -28.90 22.27
C TYR B 14 -11.84 -28.16 21.02
N HIS B 15 -10.54 -27.91 20.91
CA HIS B 15 -10.00 -27.03 19.89
C HIS B 15 -8.62 -27.55 19.49
N GLY B 16 -8.40 -27.75 18.19
CA GLY B 16 -7.12 -28.25 17.71
C GLY B 16 -6.74 -27.59 16.40
N ARG B 17 -5.45 -27.60 16.11
CA ARG B 17 -4.98 -27.01 14.86
CA ARG B 17 -4.97 -27.00 14.87
C ARG B 17 -3.63 -27.59 14.46
N ASN B 18 -3.41 -27.63 13.15
CA ASN B 18 -2.11 -27.87 12.54
C ASN B 18 -1.64 -26.57 11.91
N LEU B 19 -0.37 -26.24 12.11
CA LEU B 19 0.23 -25.08 11.48
C LEU B 19 1.16 -25.58 10.38
N ASP B 20 0.81 -25.28 9.14
CA ASP B 20 1.57 -25.71 7.97
C ASP B 20 2.32 -24.53 7.38
N TYR B 21 3.57 -24.76 7.00
CA TYR B 21 4.36 -23.71 6.46
C TYR B 21 5.38 -24.29 5.49
N PRO B 22 5.50 -23.77 4.27
CA PRO B 22 6.48 -24.30 3.33
C PRO B 22 7.89 -23.96 3.74
N PHE B 23 8.81 -24.87 3.39
CA PHE B 23 10.21 -24.74 3.77
C PHE B 23 10.33 -24.46 5.27
N GLY B 24 9.91 -25.44 6.05
CA GLY B 24 9.81 -25.29 7.49
C GLY B 24 10.65 -26.25 8.30
N LYS B 25 11.60 -26.95 7.66
CA LYS B 25 12.56 -27.74 8.42
C LYS B 25 13.35 -26.86 9.40
N ILE B 26 13.37 -25.55 9.18
CA ILE B 26 14.02 -24.62 10.09
C ILE B 26 13.05 -24.14 11.17
N LEU B 27 11.80 -23.88 10.81
CA LEU B 27 10.84 -23.40 11.80
C LEU B 27 10.55 -24.44 12.88
N ARG B 28 10.71 -25.72 12.56
CA ARG B 28 10.51 -26.74 13.59
C ARG B 28 11.49 -26.55 14.74
N LYS B 29 12.73 -26.18 14.44
CA LYS B 29 13.72 -25.94 15.48
C LYS B 29 13.47 -24.65 16.26
N LEU B 30 12.65 -23.74 15.73
CA LEU B 30 12.37 -22.47 16.37
C LEU B 30 10.99 -22.40 17.00
N THR B 31 10.26 -23.52 17.05
CA THR B 31 8.93 -23.53 17.66
C THR B 31 9.07 -23.58 19.19
N ALA B 32 8.21 -22.82 19.87
CA ALA B 32 8.30 -22.69 21.31
C ALA B 32 6.92 -22.41 21.87
N ASP B 33 6.64 -23.02 23.02
CA ASP B 33 5.48 -22.66 23.83
C ASP B 33 5.87 -21.52 24.77
N VAL B 34 5.00 -20.52 24.86
CA VAL B 34 5.27 -19.34 25.67
C VAL B 34 4.11 -19.12 26.63
N GLN B 35 4.43 -19.01 27.91
CA GLN B 35 3.47 -18.57 28.91
C GLN B 35 3.70 -17.09 29.16
N PHE B 36 2.69 -16.29 28.91
CA PHE B 36 2.78 -14.84 29.09
C PHE B 36 2.31 -14.51 30.50
N ILE B 37 3.18 -13.85 31.27
CA ILE B 37 3.00 -13.68 32.70
C ILE B 37 2.48 -12.26 32.97
N LYS B 38 1.45 -12.16 33.79
CA LYS B 38 0.99 -10.89 34.33
C LYS B 38 0.78 -11.06 35.83
N ASN B 39 1.36 -10.17 36.61
CA ASN B 39 1.18 -10.16 38.06
C ASN B 39 1.55 -11.53 38.64
N GLY B 40 2.68 -12.06 38.19
CA GLY B 40 3.17 -13.34 38.68
C GLY B 40 2.33 -14.53 38.32
N GLN B 41 1.35 -14.37 37.42
CA GLN B 41 0.45 -15.44 37.02
C GLN B 41 0.54 -15.67 35.52
N ILE B 42 0.24 -16.90 35.11
CA ILE B 42 0.12 -17.22 33.69
C ILE B 42 -1.17 -16.58 33.18
N ALA B 43 -1.05 -15.53 32.37
CA ALA B 43 -2.22 -14.85 31.82
C ALA B 43 -2.76 -15.58 30.60
N PHE B 44 -1.88 -16.04 29.72
CA PHE B 44 -2.28 -16.83 28.58
C PHE B 44 -1.07 -17.58 28.06
N THR B 45 -1.33 -18.61 27.27
CA THR B 45 -0.31 -19.48 26.73
C THR B 45 -0.47 -19.54 25.22
N GLY B 46 0.66 -19.52 24.51
CA GLY B 46 0.63 -19.61 23.06
C GLY B 46 1.77 -20.45 22.55
N THR B 47 1.74 -20.69 21.25
CA THR B 47 2.83 -21.34 20.53
C THR B 47 3.27 -20.42 19.41
N THR B 48 4.59 -20.25 19.25
CA THR B 48 5.12 -19.31 18.28
C THR B 48 6.50 -19.77 17.82
N PHE B 49 7.11 -18.93 16.98
CA PHE B 49 8.49 -19.11 16.56
C PHE B 49 9.36 -18.01 17.17
N VAL B 50 10.59 -18.37 17.52
CA VAL B 50 11.53 -17.42 18.10
C VAL B 50 11.69 -16.25 17.16
N GLY B 51 11.52 -15.04 17.70
CA GLY B 51 11.63 -13.82 16.93
C GLY B 51 10.31 -13.31 16.40
N TYR B 52 9.26 -14.12 16.49
CA TYR B 52 7.92 -13.73 16.09
C TYR B 52 7.14 -13.34 17.34
N VAL B 53 6.61 -12.11 17.36
CA VAL B 53 6.01 -11.61 18.59
C VAL B 53 4.50 -11.80 18.65
N GLY B 54 3.83 -12.04 17.53
CA GLY B 54 2.42 -12.38 17.55
C GLY B 54 2.19 -13.85 17.85
N LEU B 55 0.91 -14.22 17.92
CA LEU B 55 0.51 -15.59 18.20
C LEU B 55 -0.53 -16.05 17.20
N TRP B 56 -0.28 -17.19 16.57
CA TRP B 56 -1.27 -17.84 15.71
C TRP B 56 -2.08 -18.90 16.45
N THR B 57 -1.68 -19.24 17.67
CA THR B 57 -2.27 -20.31 18.46
C THR B 57 -2.14 -19.92 19.93
N GLY B 58 -3.23 -20.01 20.69
CA GLY B 58 -3.12 -19.73 22.12
C GLY B 58 -4.42 -19.93 22.86
N GLN B 59 -4.33 -19.85 24.19
CA GLN B 59 -5.46 -20.02 25.07
C GLN B 59 -5.42 -19.02 26.22
N SER B 60 -6.59 -18.53 26.59
CA SER B 60 -6.78 -17.78 27.82
C SER B 60 -7.45 -18.73 28.81
N PRO B 61 -6.77 -19.14 29.88
CA PRO B 61 -7.29 -20.26 30.68
C PRO B 61 -8.66 -19.96 31.27
N HIS B 62 -9.56 -20.93 31.12
CA HIS B 62 -10.94 -20.85 31.62
C HIS B 62 -11.76 -19.81 30.88
N LYS B 63 -11.32 -19.37 29.71
CA LYS B 63 -12.06 -18.35 28.98
C LYS B 63 -12.24 -18.76 27.52
N PHE B 64 -11.15 -18.83 26.76
CA PHE B 64 -11.29 -19.17 25.35
C PHE B 64 -9.95 -19.64 24.78
N THR B 65 -10.05 -20.24 23.60
CA THR B 65 -8.92 -20.66 22.79
C THR B 65 -9.05 -20.05 21.40
N ILE B 66 -7.91 -19.73 20.78
CA ILE B 66 -7.88 -19.10 19.46
C ILE B 66 -6.84 -19.76 18.58
N SER B 67 -7.18 -19.96 17.31
CA SER B 67 -6.22 -20.25 16.28
C SER B 67 -6.58 -19.48 15.02
N GLY B 68 -5.57 -19.10 14.25
CA GLY B 68 -5.77 -18.47 12.97
C GLY B 68 -5.23 -19.31 11.82
N ASP B 69 -5.92 -19.25 10.69
CA ASP B 69 -5.51 -19.88 9.44
C ASP B 69 -5.41 -18.81 8.37
N GLU B 70 -4.41 -18.93 7.50
CA GLU B 70 -4.22 -17.94 6.45
C GLU B 70 -5.38 -17.96 5.45
N ARG B 71 -5.74 -16.77 4.98
CA ARG B 71 -6.80 -16.60 3.98
C ARG B 71 -6.21 -15.75 2.85
N ASP B 72 -6.23 -16.27 1.63
CA ASP B 72 -5.56 -15.63 0.50
CA ASP B 72 -5.57 -15.63 0.51
C ASP B 72 -6.51 -15.59 -0.69
N LYS B 73 -6.95 -14.38 -1.05
CA LYS B 73 -7.66 -14.14 -2.30
C LYS B 73 -6.72 -13.64 -3.38
N GLY B 74 -5.41 -13.80 -3.18
CA GLY B 74 -4.41 -13.29 -4.07
C GLY B 74 -3.92 -11.91 -3.65
N TRP B 75 -2.73 -11.57 -4.15
CA TRP B 75 -2.15 -10.24 -3.94
C TRP B 75 -2.13 -9.86 -2.47
N TRP B 76 -1.89 -10.82 -1.58
CA TRP B 76 -1.84 -10.52 -0.15
C TRP B 76 -0.87 -9.37 0.10
N TRP B 77 0.42 -9.60 -0.17
CA TRP B 77 1.44 -8.61 0.16
C TRP B 77 1.04 -7.24 -0.36
N GLU B 78 0.67 -7.17 -1.65
CA GLU B 78 0.19 -5.93 -2.22
C GLU B 78 -0.89 -5.30 -1.35
N ASN B 79 -1.92 -6.09 -1.00
CA ASN B 79 -3.03 -5.55 -0.22
C ASN B 79 -2.63 -5.22 1.21
N MET B 80 -1.63 -5.93 1.75
CA MET B 80 -1.23 -5.66 3.13
C MET B 80 -0.34 -4.41 3.24
N ILE B 81 0.46 -4.12 2.23
CA ILE B 81 1.14 -2.81 2.22
C ILE B 81 0.10 -1.71 2.27
N ALA B 82 -0.95 -1.84 1.44
CA ALA B 82 -2.02 -0.85 1.43
C ALA B 82 -2.76 -0.80 2.76
N ALA B 83 -3.03 -1.97 3.34
CA ALA B 83 -3.90 -2.03 4.52
C ALA B 83 -3.18 -1.58 5.79
N LEU B 84 -1.88 -1.81 5.88
CA LEU B 84 -1.14 -1.45 7.08
C LEU B 84 -1.38 0.00 7.47
N SER B 85 -1.16 0.91 6.54
CA SER B 85 -0.86 2.31 6.84
C SER B 85 -2.08 3.10 7.29
N LEU B 86 -3.07 2.43 7.90
CA LEU B 86 -4.27 3.11 8.37
C LEU B 86 -4.61 2.73 9.81
N GLY B 87 -3.64 2.21 10.56
CA GLY B 87 -3.89 1.85 11.94
C GLY B 87 -4.56 0.51 12.12
N HIS B 88 -4.47 -0.37 11.13
CA HIS B 88 -5.03 -1.70 11.20
C HIS B 88 -4.03 -2.66 11.83
N SER B 89 -4.56 -3.78 12.31
CA SER B 89 -3.72 -4.63 13.14
C SER B 89 -3.19 -5.83 12.36
N PRO B 90 -1.95 -6.24 12.61
CA PRO B 90 -1.50 -7.54 12.12
C PRO B 90 -2.33 -8.66 12.72
N ILE B 91 -2.50 -9.72 11.93
CA ILE B 91 -3.40 -10.82 12.27
C ILE B 91 -3.05 -11.40 13.64
N SER B 92 -1.80 -11.80 13.81
CA SER B 92 -1.41 -12.54 15.00
C SER B 92 -1.19 -11.63 16.19
N TRP B 93 -1.01 -10.33 15.95
CA TRP B 93 -0.97 -9.38 17.03
C TRP B 93 -2.35 -9.21 17.65
N LEU B 94 -3.40 -9.24 16.82
CA LEU B 94 -4.75 -9.17 17.35
C LEU B 94 -5.06 -10.40 18.19
N ILE B 95 -4.62 -11.58 17.75
CA ILE B 95 -4.83 -12.78 18.56
C ILE B 95 -4.17 -12.60 19.91
N ARG B 96 -2.92 -12.17 19.93
CA ARG B 96 -2.21 -12.00 21.20
C ARG B 96 -2.89 -10.96 22.08
N LYS B 97 -3.26 -9.83 21.49
CA LYS B 97 -3.96 -8.79 22.23
C LYS B 97 -5.28 -9.31 22.80
N THR B 98 -6.00 -10.11 22.03
CA THR B 98 -7.27 -10.65 22.49
C THR B 98 -7.08 -11.60 23.67
N LEU B 99 -6.10 -12.50 23.56
CA LEU B 99 -5.78 -13.39 24.69
C LEU B 99 -5.42 -12.60 25.93
N SER B 100 -4.73 -11.47 25.76
CA SER B 100 -4.26 -10.71 26.90
C SER B 100 -5.40 -9.96 27.58
N GLU B 101 -6.33 -9.40 26.80
CA GLU B 101 -7.27 -8.42 27.31
C GLU B 101 -8.71 -8.87 27.38
N SER B 102 -9.18 -9.72 26.45
CA SER B 102 -10.59 -10.04 26.41
C SER B 102 -11.02 -10.84 27.63
N GLU B 103 -12.17 -10.46 28.20
CA GLU B 103 -12.66 -11.02 29.45
C GLU B 103 -13.47 -12.29 29.27
N SER B 104 -13.86 -12.65 28.05
CA SER B 104 -14.76 -13.76 27.85
C SER B 104 -14.75 -14.20 26.40
N PHE B 105 -15.22 -15.42 26.18
CA PHE B 105 -15.41 -15.93 24.82
C PHE B 105 -16.24 -14.96 23.99
N GLU B 106 -17.35 -14.48 24.55
CA GLU B 106 -18.18 -13.51 23.86
C GLU B 106 -17.37 -12.28 23.45
N ALA B 107 -16.60 -11.72 24.38
CA ALA B 107 -15.84 -10.51 24.09
C ALA B 107 -14.77 -10.78 23.03
N ALA B 108 -14.08 -11.92 23.13
CA ALA B 108 -13.03 -12.23 22.16
C ALA B 108 -13.62 -12.32 20.75
N VAL B 109 -14.78 -12.96 20.61
CA VAL B 109 -15.39 -13.11 19.29
C VAL B 109 -15.66 -11.74 18.67
N TYR B 110 -16.25 -10.82 19.44
CA TYR B 110 -16.55 -9.50 18.90
CA TYR B 110 -16.55 -9.51 18.88
C TYR B 110 -15.27 -8.81 18.42
N THR B 111 -14.24 -8.82 19.27
CA THR B 111 -12.99 -8.15 18.91
C THR B 111 -12.37 -8.79 17.68
N LEU B 112 -12.33 -10.12 17.63
CA LEU B 112 -11.76 -10.79 16.47
C LEU B 112 -12.59 -10.56 15.22
N ALA B 113 -13.90 -10.32 15.38
CA ALA B 113 -14.77 -10.09 14.24
C ALA B 113 -14.62 -8.66 13.70
N LYS B 114 -14.47 -7.67 14.58
CA LYS B 114 -14.65 -6.28 14.20
C LYS B 114 -13.35 -5.49 14.03
N THR B 115 -12.25 -5.90 14.65
CA THR B 115 -11.05 -5.08 14.62
C THR B 115 -10.48 -5.03 13.19
N PRO B 116 -10.23 -3.86 12.63
CA PRO B 116 -9.65 -3.80 11.29
C PRO B 116 -8.30 -4.50 11.22
N LEU B 117 -8.06 -5.19 10.11
CA LEU B 117 -6.88 -6.02 9.92
C LEU B 117 -6.11 -5.60 8.66
N ILE B 118 -4.82 -5.90 8.66
CA ILE B 118 -3.99 -5.63 7.49
C ILE B 118 -4.08 -6.72 6.44
N ALA B 119 -4.76 -7.83 6.74
CA ALA B 119 -4.93 -8.93 5.79
C ALA B 119 -6.15 -9.74 6.17
N ASP B 120 -6.67 -10.49 5.20
CA ASP B 120 -7.75 -11.43 5.47
C ASP B 120 -7.21 -12.59 6.31
N VAL B 121 -8.11 -13.27 7.01
CA VAL B 121 -7.73 -14.39 7.87
C VAL B 121 -8.97 -15.18 8.25
N TYR B 122 -8.78 -16.40 8.70
CA TYR B 122 -9.79 -17.15 9.45
C TYR B 122 -9.38 -17.22 10.91
N TYR B 123 -10.29 -16.82 11.80
CA TYR B 123 -10.11 -16.96 13.24
C TYR B 123 -11.06 -18.04 13.74
N ILE B 124 -10.51 -19.01 14.45
CA ILE B 124 -11.29 -20.09 15.05
C ILE B 124 -11.20 -19.94 16.57
N VAL B 125 -12.34 -19.87 17.23
CA VAL B 125 -12.41 -19.55 18.65
C VAL B 125 -13.24 -20.62 19.35
N GLY B 126 -12.72 -21.12 20.46
CA GLY B 126 -13.48 -22.01 21.34
C GLY B 126 -13.60 -21.41 22.73
N GLY B 127 -14.73 -21.69 23.37
CA GLY B 127 -15.00 -21.22 24.72
C GLY B 127 -14.98 -22.31 25.76
N THR B 128 -15.89 -22.22 26.74
CA THR B 128 -16.01 -23.20 27.80
C THR B 128 -17.41 -23.80 27.93
N SER B 129 -18.41 -23.21 27.30
CA SER B 129 -19.80 -23.62 27.46
C SER B 129 -20.35 -24.18 26.16
N PRO B 130 -21.44 -24.94 26.23
CA PRO B 130 -22.03 -25.49 24.99
C PRO B 130 -22.25 -24.40 23.95
N LYS B 131 -22.00 -24.77 22.69
CA LYS B 131 -22.18 -23.94 21.50
C LYS B 131 -21.05 -22.92 21.34
N GLU B 132 -20.10 -22.82 22.26
CA GLU B 132 -19.09 -21.77 22.22
C GLU B 132 -17.92 -22.22 21.33
N GLY B 133 -18.19 -22.21 20.03
CA GLY B 133 -17.19 -22.45 19.02
C GLY B 133 -17.60 -21.74 17.76
N VAL B 134 -16.67 -21.06 17.10
CA VAL B 134 -17.03 -20.25 15.94
C VAL B 134 -15.85 -20.16 15.00
N VAL B 135 -16.14 -20.14 13.71
CA VAL B 135 -15.20 -19.77 12.67
C VAL B 135 -15.57 -18.38 12.18
N ILE B 136 -14.63 -17.46 12.28
CA ILE B 136 -14.81 -16.08 11.86
C ILE B 136 -14.01 -15.90 10.58
N THR B 137 -14.69 -15.73 9.46
CA THR B 137 -14.03 -15.47 8.18
C THR B 137 -13.89 -13.96 8.04
N ARG B 138 -12.65 -13.47 8.05
CA ARG B 138 -12.39 -12.04 8.11
C ARG B 138 -12.01 -11.48 6.75
N ASP B 139 -12.69 -10.42 6.36
CA ASP B 139 -12.12 -9.45 5.45
C ASP B 139 -11.30 -8.44 6.27
N ARG B 140 -10.53 -7.61 5.58
CA ARG B 140 -9.69 -6.65 6.30
C ARG B 140 -10.53 -5.68 7.09
N GLY B 141 -11.65 -5.20 6.52
CA GLY B 141 -12.48 -4.23 7.20
C GLY B 141 -13.43 -4.80 8.23
N GLY B 142 -13.68 -6.11 8.18
CA GLY B 142 -14.62 -6.72 9.08
C GLY B 142 -14.95 -8.14 8.66
N PRO B 143 -16.01 -8.71 9.24
CA PRO B 143 -16.27 -10.14 9.04
C PRO B 143 -17.01 -10.39 7.73
N ALA B 144 -16.53 -11.37 6.98
CA ALA B 144 -17.26 -11.87 5.82
C ALA B 144 -18.32 -12.89 6.24
N ASP B 145 -18.07 -13.64 7.32
CA ASP B 145 -18.95 -14.72 7.72
C ASP B 145 -18.64 -15.11 9.17
N ILE B 146 -19.69 -15.36 9.94
CA ILE B 146 -19.58 -15.90 11.29
C ILE B 146 -20.28 -17.25 11.30
N TRP B 147 -19.56 -18.31 11.65
CA TRP B 147 -20.03 -19.69 11.52
C TRP B 147 -19.90 -20.40 12.87
N PRO B 148 -20.93 -20.36 13.71
CA PRO B 148 -20.85 -21.01 15.01
C PRO B 148 -21.19 -22.50 14.93
N LEU B 149 -20.78 -23.22 15.97
CA LEU B 149 -21.29 -24.56 16.19
C LEU B 149 -22.81 -24.52 16.33
N ASP B 150 -23.46 -25.61 15.94
CA ASP B 150 -24.91 -25.75 16.08
C ASP B 150 -25.22 -27.21 16.40
N PRO B 151 -24.80 -27.69 17.57
CA PRO B 151 -25.06 -29.09 17.92
C PRO B 151 -26.54 -29.43 18.00
N LEU B 152 -27.38 -28.47 18.37
CA LEU B 152 -28.83 -28.71 18.40
C LEU B 152 -29.30 -29.31 17.09
N ASN B 153 -28.76 -28.82 15.98
CA ASN B 153 -29.08 -29.31 14.65
C ASN B 153 -28.04 -30.29 14.11
N GLY B 154 -27.29 -30.94 14.99
CA GLY B 154 -26.39 -32.00 14.59
C GLY B 154 -25.03 -31.55 14.14
N GLU B 155 -24.70 -30.27 14.24
CA GLU B 155 -23.45 -29.71 13.71
C GLU B 155 -22.53 -29.43 14.90
N TRP B 156 -21.84 -30.47 15.35
CA TRP B 156 -21.06 -30.44 16.58
C TRP B 156 -19.58 -30.17 16.35
N PHE B 157 -19.17 -29.90 15.11
CA PHE B 157 -17.81 -29.51 14.83
C PHE B 157 -17.80 -28.53 13.66
N ARG B 158 -16.75 -27.71 13.61
CA ARG B 158 -16.47 -26.85 12.46
C ARG B 158 -15.01 -27.05 12.08
N VAL B 159 -14.79 -27.37 10.80
CA VAL B 159 -13.45 -27.52 10.24
C VAL B 159 -13.16 -26.33 9.34
N GLU B 160 -11.99 -25.74 9.52
CA GLU B 160 -11.49 -24.71 8.63
C GLU B 160 -10.07 -25.07 8.22
N THR B 161 -9.78 -24.97 6.92
CA THR B 161 -8.41 -25.09 6.46
C THR B 161 -8.01 -23.70 5.95
N ASN B 162 -8.04 -23.45 4.65
CA ASN B 162 -7.62 -22.16 4.12
C ASN B 162 -8.60 -21.62 3.09
N TYR B 163 -9.84 -22.12 3.08
CA TYR B 163 -10.83 -21.77 2.06
C TYR B 163 -12.15 -21.42 2.72
N ASP B 164 -12.95 -20.61 2.03
CA ASP B 164 -14.23 -20.21 2.58
C ASP B 164 -15.15 -21.43 2.68
N HIS B 165 -15.74 -21.62 3.85
CA HIS B 165 -16.44 -22.87 4.14
C HIS B 165 -17.69 -23.05 3.29
N TRP B 166 -18.26 -21.98 2.77
CA TRP B 166 -19.45 -22.08 1.94
C TRP B 166 -19.12 -22.37 0.48
N LYS B 167 -17.85 -22.44 0.14
CA LYS B 167 -17.40 -22.85 -1.17
C LYS B 167 -16.73 -24.21 -1.07
N PRO B 168 -16.70 -24.98 -2.16
CA PRO B 168 -15.99 -26.26 -2.11
C PRO B 168 -14.50 -26.04 -1.95
N ALA B 169 -13.84 -26.98 -1.29
CA ALA B 169 -12.39 -26.94 -1.22
C ALA B 169 -11.82 -27.34 -2.58
N PRO B 170 -10.70 -26.76 -2.98
CA PRO B 170 -10.14 -27.11 -4.30
C PRO B 170 -9.67 -28.55 -4.30
N LYS B 171 -9.89 -29.23 -5.42
CA LYS B 171 -9.57 -30.65 -5.48
C LYS B 171 -8.08 -30.89 -5.26
N VAL B 172 -7.24 -29.93 -5.63
CA VAL B 172 -5.80 -30.09 -5.48
C VAL B 172 -5.31 -29.83 -4.06
N ASP B 173 -6.16 -29.28 -3.18
CA ASP B 173 -5.75 -29.05 -1.79
C ASP B 173 -7.00 -29.15 -0.92
N ASP B 174 -7.53 -30.36 -0.80
CA ASP B 174 -8.74 -30.61 -0.03
C ASP B 174 -8.34 -31.38 1.22
N ARG B 175 -7.96 -30.63 2.25
CA ARG B 175 -7.77 -31.20 3.58
C ARG B 175 -9.03 -31.11 4.42
N ARG B 176 -10.05 -30.40 3.94
CA ARG B 176 -11.29 -30.25 4.68
C ARG B 176 -12.06 -31.56 4.73
N THR B 177 -12.32 -32.16 3.57
CA THR B 177 -13.16 -33.35 3.52
C THR B 177 -12.60 -34.50 4.34
N PRO B 178 -11.31 -34.85 4.25
CA PRO B 178 -10.80 -35.91 5.12
C PRO B 178 -10.95 -35.60 6.60
N ALA B 179 -10.83 -34.34 7.02
CA ALA B 179 -11.04 -34.00 8.42
C ALA B 179 -12.51 -34.21 8.82
N ILE B 180 -13.44 -33.75 7.97
CA ILE B 180 -14.86 -33.95 8.24
C ILE B 180 -15.16 -35.44 8.35
N LYS B 181 -14.65 -36.23 7.42
CA LYS B 181 -14.93 -37.67 7.48
C LYS B 181 -14.37 -38.29 8.74
N ALA B 182 -13.19 -37.84 9.17
CA ALA B 182 -12.56 -38.41 10.36
C ALA B 182 -13.32 -38.02 11.62
N LEU B 183 -13.82 -36.79 11.67
CA LEU B 183 -14.66 -36.39 12.81
C LEU B 183 -15.99 -37.13 12.78
N ASN B 184 -16.60 -37.23 11.60
CA ASN B 184 -17.82 -38.03 11.44
C ASN B 184 -17.63 -39.44 12.00
N ALA B 185 -16.50 -40.06 11.69
CA ALA B 185 -16.25 -41.44 12.10
C ALA B 185 -15.89 -41.55 13.58
N THR B 186 -15.37 -40.48 14.18
CA THR B 186 -15.11 -40.46 15.61
C THR B 186 -16.41 -40.43 16.39
N GLY B 187 -17.33 -39.54 16.00
CA GLY B 187 -18.59 -39.41 16.70
C GLY B 187 -18.52 -38.38 17.81
N GLN B 188 -19.60 -37.62 17.97
CA GLN B 188 -19.66 -36.61 19.03
C GLN B 188 -19.41 -37.21 20.40
N ALA B 189 -19.85 -38.44 20.63
CA ALA B 189 -19.73 -39.02 21.97
C ALA B 189 -18.30 -39.44 22.30
N HIS B 190 -17.42 -39.54 21.30
CA HIS B 190 -16.04 -39.97 21.50
C HIS B 190 -15.04 -38.86 21.25
N LEU B 191 -15.51 -37.63 21.09
CA LEU B 191 -14.62 -36.50 20.90
C LEU B 191 -13.93 -36.14 22.20
N ASN B 192 -12.61 -36.08 22.17
CA ASN B 192 -11.81 -35.53 23.25
C ASN B 192 -10.49 -35.08 22.67
N LEU B 193 -9.58 -34.60 23.53
CA LEU B 193 -8.31 -34.09 23.03
C LEU B 193 -7.50 -35.19 22.33
N GLU B 194 -7.59 -36.43 22.81
CA GLU B 194 -6.84 -37.51 22.19
C GLU B 194 -7.37 -37.82 20.80
N THR B 195 -8.68 -37.97 20.65
CA THR B 195 -9.21 -38.31 19.35
C THR B 195 -9.15 -37.13 18.39
N LEU B 196 -9.22 -35.91 18.91
CA LEU B 196 -9.01 -34.74 18.06
C LEU B 196 -7.57 -34.70 17.56
N PHE B 197 -6.61 -35.01 18.43
CA PHE B 197 -5.22 -35.07 18.00
C PHE B 197 -5.06 -36.09 16.88
N GLN B 198 -5.74 -37.23 16.96
CA GLN B 198 -5.66 -38.25 15.91
C GLN B 198 -6.23 -37.73 14.60
N VAL B 199 -7.35 -37.01 14.64
CA VAL B 199 -7.87 -36.41 13.43
C VAL B 199 -6.82 -35.51 12.79
N LEU B 200 -6.14 -34.71 13.61
CA LEU B 200 -5.10 -33.82 13.12
C LEU B 200 -3.82 -34.55 12.76
N SER B 201 -3.78 -35.87 12.87
CA SER B 201 -2.64 -36.67 12.46
C SER B 201 -2.89 -37.43 11.16
N LEU B 202 -4.07 -37.26 10.55
CA LEU B 202 -4.42 -37.94 9.32
C LEU B 202 -3.87 -37.17 8.12
N PHE B 203 -3.23 -37.89 7.20
CA PHE B 203 -2.86 -37.29 5.93
C PHE B 203 -4.14 -37.07 5.11
N PRO B 204 -4.28 -35.91 4.45
CA PRO B 204 -3.35 -34.78 4.32
C PRO B 204 -3.58 -33.64 5.31
N VAL B 205 -4.43 -33.83 6.31
CA VAL B 205 -4.59 -32.83 7.36
C VAL B 205 -3.23 -32.57 8.00
N TYR B 206 -2.53 -33.66 8.33
CA TYR B 206 -1.12 -33.67 8.68
C TYR B 206 -0.33 -34.02 7.42
N ASN B 207 0.60 -33.15 7.03
CA ASN B 207 1.29 -33.29 5.76
C ASN B 207 2.74 -32.84 5.91
N SER B 208 3.47 -32.86 4.79
CA SER B 208 4.90 -32.56 4.84
C SER B 208 5.19 -31.10 5.18
N TYR B 209 4.20 -30.23 5.11
CA TYR B 209 4.35 -28.84 5.51
C TYR B 209 4.02 -28.58 6.97
N THR B 210 3.50 -29.57 7.70
CA THR B 210 3.01 -29.33 9.05
C THR B 210 4.17 -29.10 10.01
N ILE B 211 4.19 -27.95 10.68
CA ILE B 211 5.23 -27.65 11.64
C ILE B 211 4.90 -28.24 13.00
N TYR B 212 3.67 -28.02 13.47
CA TYR B 212 3.25 -28.49 14.77
C TYR B 212 1.74 -28.70 14.78
N THR B 213 1.32 -29.52 15.73
CA THR B 213 -0.09 -29.76 16.05
C THR B 213 -0.33 -29.34 17.49
N THR B 214 -1.39 -28.57 17.71
CA THR B 214 -1.79 -28.17 19.05
C THR B 214 -3.21 -28.62 19.31
N VAL B 215 -3.45 -29.19 20.48
CA VAL B 215 -4.81 -29.41 20.97
C VAL B 215 -4.95 -28.71 22.32
N MET B 216 -6.14 -28.20 22.58
CA MET B 216 -6.34 -27.35 23.74
C MET B 216 -7.83 -27.29 24.06
N SER B 217 -8.11 -26.86 25.29
CA SER B 217 -9.46 -26.73 25.80
C SER B 217 -9.43 -25.68 26.90
N ALA B 218 -10.11 -24.55 26.67
CA ALA B 218 -10.09 -23.47 27.65
C ALA B 218 -10.55 -23.92 29.03
N ALA B 219 -11.48 -24.89 29.09
CA ALA B 219 -11.97 -25.36 30.38
C ALA B 219 -10.96 -26.26 31.09
N GLU B 220 -9.96 -26.76 30.37
CA GLU B 220 -8.93 -27.63 30.93
C GLU B 220 -7.59 -27.10 30.47
N PRO B 221 -7.21 -25.91 30.93
CA PRO B 221 -6.02 -25.25 30.38
C PRO B 221 -4.73 -26.01 30.62
N ASP B 222 -4.68 -26.86 31.64
CA ASP B 222 -3.48 -27.65 31.90
C ASP B 222 -3.25 -28.73 30.87
N LYS B 223 -4.21 -29.00 29.99
CA LYS B 223 -4.06 -30.02 28.96
C LYS B 223 -3.56 -29.45 27.63
N TYR B 224 -3.28 -28.15 27.56
CA TYR B 224 -2.69 -27.56 26.36
C TYR B 224 -1.48 -28.39 25.92
N LEU B 225 -1.49 -28.80 24.66
CA LEU B 225 -0.43 -29.69 24.17
C LEU B 225 -0.07 -29.33 22.74
N THR B 226 1.20 -29.02 22.53
CA THR B 226 1.75 -28.83 21.20
C THR B 226 2.76 -29.93 20.92
N MET B 227 2.67 -30.53 19.75
CA MET B 227 3.62 -31.54 19.28
C MET B 227 4.28 -31.04 18.01
N ILE B 228 5.60 -30.86 18.06
CA ILE B 228 6.36 -30.51 16.86
C ILE B 228 6.43 -31.72 15.95
N ARG B 229 6.22 -31.52 14.66
CA ARG B 229 6.12 -32.63 13.72
C ARG B 229 7.41 -32.84 12.94
N ASN B 230 7.56 -34.08 12.44
CA ASN B 230 8.69 -34.49 11.60
C ASN B 230 9.97 -34.67 12.40
N VAL C 11 -2.52 30.19 -32.80
CA VAL C 11 -3.78 29.46 -32.77
C VAL C 11 -3.66 28.13 -33.53
N PRO C 12 -3.16 28.14 -34.76
CA PRO C 12 -3.03 26.88 -35.50
C PRO C 12 -2.04 25.94 -34.82
N GLY C 13 -2.50 24.72 -34.53
CA GLY C 13 -1.71 23.74 -33.82
C GLY C 13 -1.90 23.73 -32.32
N THR C 14 -2.63 24.70 -31.77
CA THR C 14 -2.91 24.73 -30.36
C THR C 14 -4.06 23.80 -30.01
N PRO C 15 -4.16 23.36 -28.77
CA PRO C 15 -5.25 22.46 -28.37
C PRO C 15 -6.57 23.22 -28.33
N PRO C 16 -7.69 22.50 -28.31
CA PRO C 16 -8.97 23.17 -27.99
C PRO C 16 -8.92 23.74 -26.60
N LEU C 17 -9.67 24.82 -26.39
CA LEU C 17 -9.68 25.55 -25.14
C LEU C 17 -11.04 25.41 -24.48
N PHE C 18 -11.05 24.99 -23.21
CA PHE C 18 -12.28 24.78 -22.47
C PHE C 18 -12.25 25.58 -21.17
N ASN C 19 -13.41 26.09 -20.78
CA ASN C 19 -13.62 26.69 -19.47
C ASN C 19 -14.21 25.64 -18.54
N VAL C 20 -13.61 25.48 -17.37
CA VAL C 20 -14.12 24.60 -16.33
C VAL C 20 -14.38 25.46 -15.10
N SER C 21 -15.64 25.48 -14.65
CA SER C 21 -16.05 26.39 -13.59
C SER C 21 -15.89 25.73 -12.25
N LEU C 22 -15.06 26.34 -11.39
CA LEU C 22 -15.07 26.00 -9.97
C LEU C 22 -16.22 26.66 -9.23
N ASP C 23 -17.02 27.47 -9.92
CA ASP C 23 -18.25 28.02 -9.32
C ASP C 23 -19.38 27.00 -9.29
N VAL C 24 -19.37 26.01 -10.18
CA VAL C 24 -20.40 24.98 -10.19
C VAL C 24 -19.91 23.79 -9.38
N ALA C 25 -20.80 22.83 -9.12
CA ALA C 25 -20.45 21.69 -8.28
C ALA C 25 -19.46 20.77 -9.00
N PRO C 26 -18.66 20.01 -8.24
CA PRO C 26 -17.67 19.13 -8.89
C PRO C 26 -18.28 18.14 -9.85
N GLU C 27 -19.45 17.59 -9.52
CA GLU C 27 -20.07 16.58 -10.38
C GLU C 27 -20.64 17.16 -11.65
N GLN C 28 -20.54 18.46 -11.88
CA GLN C 28 -21.03 19.09 -13.10
C GLN C 28 -19.96 19.82 -13.89
N ARG C 29 -18.84 20.21 -13.27
CA ARG C 29 -17.98 21.19 -13.90
C ARG C 29 -17.24 20.64 -15.14
N TRP C 30 -17.09 19.33 -15.28
CA TRP C 30 -16.40 18.77 -16.44
C TRP C 30 -17.34 18.37 -17.57
N LEU C 31 -18.66 18.37 -17.34
CA LEU C 31 -19.57 17.80 -18.32
C LEU C 31 -19.59 18.61 -19.63
N PRO C 32 -19.53 19.94 -19.59
CA PRO C 32 -19.49 20.67 -20.87
C PRO C 32 -18.33 20.23 -21.74
N MET C 33 -17.14 20.10 -21.16
CA MET C 33 -16.00 19.62 -21.92
CA MET C 33 -15.99 19.61 -21.93
C MET C 33 -16.27 18.22 -22.50
N LEU C 34 -16.74 17.31 -21.66
CA LEU C 34 -17.00 15.95 -22.13
C LEU C 34 -17.96 15.94 -23.31
N ARG C 35 -18.92 16.86 -23.34
CA ARG C 35 -19.90 16.89 -24.41
C ARG C 35 -19.29 17.24 -25.76
N HIS C 36 -18.03 17.66 -25.80
CA HIS C 36 -17.35 17.93 -27.05
C HIS C 36 -16.67 16.70 -27.65
N TYR C 37 -16.81 15.54 -27.02
CA TYR C 37 -16.13 14.33 -27.46
C TYR C 37 -17.11 13.18 -27.60
N ASP C 38 -16.82 12.30 -28.54
CA ASP C 38 -17.58 11.08 -28.73
C ASP C 38 -17.32 10.15 -27.54
N PRO C 39 -18.34 9.80 -26.75
CA PRO C 39 -18.08 8.94 -25.58
C PRO C 39 -17.50 7.59 -25.95
N ASP C 40 -17.87 7.04 -27.11
CA ASP C 40 -17.29 5.78 -27.54
C ASP C 40 -15.80 5.94 -27.79
N PHE C 41 -15.39 7.08 -28.34
CA PHE C 41 -13.97 7.36 -28.49
C PHE C 41 -13.30 7.51 -27.14
N LEU C 42 -13.91 8.26 -26.22
CA LEU C 42 -13.32 8.41 -24.89
C LEU C 42 -13.22 7.08 -24.17
N ARG C 43 -14.28 6.27 -24.21
CA ARG C 43 -14.22 4.95 -23.60
C ARG C 43 -13.06 4.15 -24.17
N THR C 44 -12.99 4.07 -25.50
CA THR C 44 -11.91 3.32 -26.13
C THR C 44 -10.55 3.88 -25.73
N ALA C 45 -10.43 5.21 -25.67
CA ALA C 45 -9.18 5.82 -25.26
C ALA C 45 -8.82 5.44 -23.83
N VAL C 46 -9.81 5.47 -22.92
CA VAL C 46 -9.55 5.08 -21.54
C VAL C 46 -9.02 3.66 -21.48
N ALA C 47 -9.68 2.74 -22.18
CA ALA C 47 -9.24 1.35 -22.16
C ALA C 47 -7.81 1.22 -22.70
N GLN C 48 -7.49 1.94 -23.77
CA GLN C 48 -6.14 1.84 -24.33
C GLN C 48 -5.09 2.32 -23.35
N VAL C 49 -5.34 3.44 -22.67
CA VAL C 49 -4.37 3.95 -21.71
C VAL C 49 -4.21 2.97 -20.56
N ILE C 50 -5.33 2.46 -20.02
CA ILE C 50 -5.25 1.48 -18.94
C ILE C 50 -4.47 0.25 -19.39
N GLY C 51 -4.82 -0.30 -20.56
CA GLY C 51 -4.17 -1.52 -21.00
C GLY C 51 -2.69 -1.35 -21.25
N ASP C 52 -2.26 -0.15 -21.63
CA ASP C 52 -0.87 0.10 -21.98
C ASP C 52 -0.01 0.46 -20.77
N ARG C 53 -0.56 1.20 -19.80
CA ARG C 53 0.22 1.73 -18.70
C ARG C 53 -0.01 1.03 -17.37
N VAL C 54 -1.09 0.28 -17.21
CA VAL C 54 -1.48 -0.28 -15.92
C VAL C 54 -1.04 -1.73 -15.86
N PRO C 55 -0.20 -2.12 -14.90
CA PRO C 55 0.09 -3.55 -14.72
C PRO C 55 -1.17 -4.31 -14.33
N GLN C 56 -1.21 -5.58 -14.74
CA GLN C 56 -2.43 -6.37 -14.58
C GLN C 56 -2.75 -6.61 -13.11
N TRP C 57 -1.73 -6.87 -12.29
CA TRP C 57 -1.98 -7.10 -10.87
C TRP C 57 -2.64 -5.90 -10.22
N VAL C 58 -2.44 -4.70 -10.79
CA VAL C 58 -3.12 -3.52 -10.27
C VAL C 58 -4.62 -3.65 -10.47
N LEU C 59 -5.03 -4.30 -11.57
CA LEU C 59 -6.46 -4.51 -11.83
C LEU C 59 -7.08 -5.45 -10.80
N GLY C 60 -6.36 -6.50 -10.42
CA GLY C 60 -6.92 -7.47 -9.49
C GLY C 60 -7.38 -6.83 -8.19
N MET C 61 -6.58 -5.92 -7.66
CA MET C 61 -6.90 -5.22 -6.41
C MET C 61 -7.47 -3.83 -6.66
N VAL C 62 -8.23 -3.65 -7.74
CA VAL C 62 -8.69 -2.32 -8.10
C VAL C 62 -9.79 -1.86 -7.15
N GLY C 63 -10.71 -2.76 -6.78
CA GLY C 63 -11.70 -2.41 -5.78
C GLY C 63 -11.05 -1.94 -4.49
N GLU C 64 -9.91 -2.53 -4.13
CA GLU C 64 -9.12 -2.02 -3.03
C GLU C 64 -8.65 -0.59 -3.30
N ILE C 65 -8.21 -0.31 -4.54
CA ILE C 65 -7.78 1.04 -4.89
C ILE C 65 -8.91 2.02 -4.62
N VAL C 66 -10.10 1.74 -5.16
CA VAL C 66 -11.24 2.62 -4.99
C VAL C 66 -11.49 2.88 -3.50
N SER C 67 -11.31 1.85 -2.67
CA SER C 67 -11.57 2.00 -1.25
C SER C 67 -10.67 3.05 -0.61
N LYS C 68 -9.38 3.05 -0.98
CA LYS C 68 -8.44 3.97 -0.35
C LYS C 68 -8.59 5.41 -0.86
N VAL C 69 -9.02 5.58 -2.12
CA VAL C 69 -9.20 6.91 -2.67
C VAL C 69 -10.47 7.55 -2.14
N GLU C 70 -11.53 6.76 -1.95
CA GLU C 70 -12.80 7.30 -1.45
C GLU C 70 -12.66 7.78 -0.02
N SER C 71 -11.89 7.08 0.80
CA SER C 71 -11.82 7.39 2.22
C SER C 71 -10.85 8.51 2.52
N PHE C 72 -9.67 8.51 1.88
CA PHE C 72 -8.57 9.37 2.29
C PHE C 72 -8.07 10.31 1.20
N LEU C 73 -8.55 10.18 -0.07
CA LEU C 73 -8.23 11.23 -1.02
C LEU C 73 -9.39 12.21 -1.15
N PRO C 74 -9.10 13.48 -1.40
CA PRO C 74 -10.14 14.51 -1.27
C PRO C 74 -11.34 14.22 -2.15
N GLN C 75 -12.53 14.46 -1.58
CA GLN C 75 -13.76 14.15 -2.29
C GLN C 75 -13.97 14.93 -3.58
N PRO C 76 -13.46 16.15 -3.77
CA PRO C 76 -13.60 16.77 -5.11
C PRO C 76 -12.94 15.96 -6.20
N PHE C 77 -11.72 15.48 -5.93
CA PHE C 77 -11.03 14.55 -6.83
C PHE C 77 -11.95 13.39 -7.23
N THR C 78 -12.41 12.63 -6.24
CA THR C 78 -13.23 11.46 -6.55
C THR C 78 -14.57 11.86 -7.15
N ASP C 79 -15.19 12.93 -6.63
CA ASP C 79 -16.50 13.33 -7.14
C ASP C 79 -16.42 13.74 -8.61
N GLU C 80 -15.39 14.52 -8.97
CA GLU C 80 -15.20 14.88 -10.38
C GLU C 80 -14.99 13.65 -11.24
N ILE C 81 -14.13 12.72 -10.80
CA ILE C 81 -13.87 11.53 -11.59
C ILE C 81 -15.14 10.69 -11.71
N ARG C 82 -15.89 10.55 -10.63
CA ARG C 82 -17.10 9.74 -10.69
C ARG C 82 -18.08 10.33 -11.70
N SER C 83 -18.19 11.65 -11.75
CA SER C 83 -19.11 12.27 -12.70
C SER C 83 -18.67 12.04 -14.14
N ILE C 84 -17.35 12.00 -14.37
CA ILE C 84 -16.86 11.64 -15.70
C ILE C 84 -17.17 10.18 -15.98
N CYS C 85 -16.99 9.31 -14.99
CA CYS C 85 -17.27 7.89 -15.18
C CYS C 85 -18.75 7.67 -15.45
N ASP C 86 -19.61 8.31 -14.66
CA ASP C 86 -21.05 8.16 -14.85
C ASP C 86 -21.49 8.69 -16.20
N SER C 87 -20.88 9.78 -16.66
CA SER C 87 -21.20 10.33 -17.98
C SER C 87 -20.80 9.38 -19.09
N LEU C 88 -19.68 8.67 -18.92
CA LEU C 88 -19.16 7.77 -19.94
C LEU C 88 -19.51 6.31 -19.71
N SER C 89 -20.31 6.02 -18.69
CA SER C 89 -20.66 4.64 -18.36
C SER C 89 -19.40 3.80 -18.12
N LEU C 90 -18.49 4.33 -17.33
CA LEU C 90 -17.32 3.61 -16.85
C LEU C 90 -17.44 3.39 -15.35
N SER C 91 -16.79 2.35 -14.86
CA SER C 91 -16.69 2.15 -13.42
C SER C 91 -15.89 3.29 -12.81
N LEU C 92 -16.17 3.57 -11.54
CA LEU C 92 -15.32 4.51 -10.81
C LEU C 92 -13.88 4.02 -10.78
N ALA C 93 -13.70 2.70 -10.80
CA ALA C 93 -12.36 2.12 -10.80
C ALA C 93 -11.59 2.50 -12.07
N ASP C 94 -12.25 2.44 -13.23
CA ASP C 94 -11.57 2.82 -14.47
C ASP C 94 -11.16 4.29 -14.44
N GLY C 95 -12.03 5.16 -13.92
CA GLY C 95 -11.70 6.57 -13.88
C GLY C 95 -10.51 6.85 -12.97
N ILE C 96 -10.46 6.18 -11.83
CA ILE C 96 -9.32 6.34 -10.94
C ILE C 96 -8.05 5.79 -11.58
N LEU C 97 -8.13 4.59 -12.17
CA LEU C 97 -6.96 3.98 -12.78
C LEU C 97 -6.36 4.87 -13.87
N VAL C 98 -7.20 5.39 -14.76
CA VAL C 98 -6.66 6.20 -15.85
C VAL C 98 -6.08 7.49 -15.30
N ASN C 99 -6.66 8.03 -14.22
CA ASN C 99 -6.10 9.21 -13.60
C ASN C 99 -4.78 8.93 -12.89
N LEU C 100 -4.53 7.68 -12.49
CA LEU C 100 -3.22 7.31 -12.01
C LEU C 100 -2.29 6.87 -13.15
N ALA C 101 -2.85 6.32 -14.22
CA ALA C 101 -2.03 5.94 -15.36
C ALA C 101 -1.46 7.17 -16.06
N TYR C 102 -2.31 8.16 -16.36
CA TYR C 102 -1.82 9.43 -16.88
C TYR C 102 -0.64 9.96 -16.08
N GLU C 103 -0.54 9.57 -14.82
CA GLU C 103 0.42 10.11 -13.88
C GLU C 103 1.67 9.24 -13.70
N ALA C 104 1.66 8.02 -14.23
CA ALA C 104 2.70 7.04 -13.95
C ALA C 104 3.74 6.98 -15.07
N SER C 105 4.86 6.35 -14.74
CA SER C 105 5.96 6.17 -15.69
C SER C 105 5.63 5.07 -16.70
N THR D 2 10.89 17.35 -20.42
CA THR D 2 11.88 18.38 -20.12
C THR D 2 11.15 19.62 -19.61
N SER D 3 11.63 20.16 -18.49
CA SER D 3 11.15 21.45 -17.99
C SER D 3 12.34 22.37 -17.81
N ILE D 4 12.15 23.64 -18.15
CA ILE D 4 13.18 24.67 -18.07
C ILE D 4 12.55 25.89 -17.40
N VAL D 5 13.22 26.42 -16.39
CA VAL D 5 12.91 27.73 -15.83
C VAL D 5 14.16 28.59 -15.92
N ALA D 6 14.00 29.86 -16.28
CA ALA D 6 15.15 30.70 -16.60
C ALA D 6 14.79 32.16 -16.43
N GLN D 7 15.82 32.96 -16.20
CA GLN D 7 15.69 34.39 -15.94
C GLN D 7 16.52 35.17 -16.95
N ASP D 8 15.89 36.12 -17.64
CA ASP D 8 16.65 36.92 -18.60
C ASP D 8 17.45 37.99 -17.86
N SER D 9 18.14 38.83 -18.63
CA SER D 9 19.08 39.78 -18.05
C SER D 9 18.38 40.92 -17.32
N GLN D 10 17.10 41.14 -17.59
CA GLN D 10 16.31 42.13 -16.88
C GLN D 10 15.58 41.55 -15.69
N GLY D 11 15.74 40.27 -15.42
CA GLY D 11 15.17 39.64 -14.25
C GLY D 11 13.80 39.02 -14.44
N ARG D 12 13.31 38.93 -15.67
CA ARG D 12 12.03 38.28 -15.93
C ARG D 12 12.18 36.77 -15.93
N ILE D 13 11.15 36.07 -15.49
CA ILE D 13 11.16 34.61 -15.36
C ILE D 13 10.34 33.99 -16.49
N TYR D 14 10.92 33.00 -17.17
CA TYR D 14 10.25 32.24 -18.20
C TYR D 14 10.34 30.75 -17.86
N HIS D 15 9.38 30.00 -18.41
CA HIS D 15 9.16 28.61 -18.03
C HIS D 15 8.59 27.88 -19.24
N GLY D 16 9.24 26.79 -19.62
CA GLY D 16 8.75 25.98 -20.72
C GLY D 16 8.92 24.51 -20.40
N ARG D 17 8.14 23.68 -21.09
CA ARG D 17 8.25 22.24 -20.87
CA ARG D 17 8.23 22.24 -20.86
C ARG D 17 7.76 21.49 -22.09
N ASN D 18 8.34 20.31 -22.28
CA ASN D 18 7.85 19.30 -23.20
C ASN D 18 7.30 18.14 -22.37
N LEU D 19 6.16 17.61 -22.80
CA LEU D 19 5.57 16.45 -22.16
C LEU D 19 5.70 15.27 -23.12
N ASP D 20 6.47 14.27 -22.72
CA ASP D 20 6.74 13.09 -23.54
C ASP D 20 6.03 11.87 -22.95
N TYR D 21 5.50 11.03 -23.83
CA TYR D 21 4.96 9.75 -23.43
C TYR D 21 5.02 8.80 -24.62
N PRO D 22 5.43 7.54 -24.41
CA PRO D 22 5.37 6.58 -25.50
C PRO D 22 3.94 6.32 -25.95
N PHE D 23 3.81 5.81 -27.18
CA PHE D 23 2.51 5.62 -27.83
C PHE D 23 1.52 6.70 -27.41
N GLY D 24 1.78 7.94 -27.83
CA GLY D 24 0.94 9.06 -27.48
C GLY D 24 0.06 9.59 -28.59
N LYS D 25 -0.11 8.83 -29.69
CA LYS D 25 -1.03 9.27 -30.74
C LYS D 25 -2.41 9.55 -30.16
N ILE D 26 -2.85 8.72 -29.21
CA ILE D 26 -4.16 8.93 -28.61
C ILE D 26 -4.13 10.15 -27.70
N LEU D 27 -3.05 10.32 -26.93
CA LEU D 27 -2.97 11.46 -26.02
C LEU D 27 -3.00 12.78 -26.77
N ARG D 28 -2.41 12.82 -27.97
CA ARG D 28 -2.42 14.05 -28.74
C ARG D 28 -3.83 14.45 -29.11
N LYS D 29 -4.69 13.47 -29.42
CA LYS D 29 -6.08 13.75 -29.75
C LYS D 29 -6.88 14.24 -28.55
N LEU D 30 -6.41 13.97 -27.34
CA LEU D 30 -7.14 14.29 -26.12
C LEU D 30 -6.53 15.44 -25.34
N THR D 31 -5.50 16.10 -25.88
CA THR D 31 -4.93 17.25 -25.21
C THR D 31 -5.85 18.45 -25.33
N ALA D 32 -5.96 19.20 -24.23
CA ALA D 32 -6.78 20.40 -24.21
C ALA D 32 -6.19 21.41 -23.25
N ASP D 33 -6.35 22.68 -23.58
CA ASP D 33 -6.11 23.76 -22.62
C ASP D 33 -7.39 24.00 -21.84
N VAL D 34 -7.26 24.13 -20.53
CA VAL D 34 -8.40 24.37 -19.66
C VAL D 34 -8.17 25.64 -18.88
N GLN D 35 -9.13 26.55 -18.95
CA GLN D 35 -9.17 27.74 -18.10
C GLN D 35 -10.12 27.47 -16.94
N PHE D 36 -9.60 27.53 -15.72
CA PHE D 36 -10.40 27.27 -14.53
C PHE D 36 -10.96 28.58 -14.01
N ILE D 37 -12.28 28.67 -13.96
CA ILE D 37 -12.99 29.92 -13.71
C ILE D 37 -13.42 29.96 -12.25
N LYS D 38 -13.09 31.05 -11.56
CA LYS D 38 -13.52 31.32 -10.20
C LYS D 38 -14.13 32.70 -10.14
N ASN D 39 -15.26 32.83 -9.46
CA ASN D 39 -15.91 34.13 -9.28
C ASN D 39 -15.97 34.88 -10.61
N GLY D 40 -16.24 34.15 -11.68
CA GLY D 40 -16.36 34.74 -13.00
C GLY D 40 -15.07 35.11 -13.69
N GLN D 41 -13.91 34.85 -13.06
CA GLN D 41 -12.63 35.21 -13.64
C GLN D 41 -11.77 33.97 -13.82
N ILE D 42 -10.86 34.04 -14.79
CA ILE D 42 -9.88 32.97 -15.01
C ILE D 42 -8.96 32.92 -13.79
N ALA D 43 -9.05 31.85 -13.02
CA ALA D 43 -8.21 31.69 -11.83
C ALA D 43 -6.86 31.08 -12.16
N PHE D 44 -6.84 30.11 -13.07
CA PHE D 44 -5.58 29.56 -13.53
C PHE D 44 -5.85 28.79 -14.82
N THR D 45 -4.78 28.53 -15.54
CA THR D 45 -4.83 27.87 -16.84
C THR D 45 -3.84 26.71 -16.82
N GLY D 46 -4.23 25.61 -17.45
CA GLY D 46 -3.36 24.47 -17.56
C GLY D 46 -3.63 23.71 -18.83
N THR D 47 -2.79 22.71 -19.07
CA THR D 47 -2.94 21.82 -20.20
C THR D 47 -3.08 20.40 -19.66
N THR D 48 -4.03 19.65 -20.22
CA THR D 48 -4.32 18.34 -19.67
C THR D 48 -4.84 17.44 -20.78
N PHE D 49 -5.35 16.27 -20.37
CA PHE D 49 -5.99 15.32 -21.25
C PHE D 49 -7.42 15.12 -20.77
N VAL D 50 -8.33 14.94 -21.73
CA VAL D 50 -9.74 14.77 -21.41
C VAL D 50 -9.90 13.59 -20.46
N GLY D 51 -10.66 13.79 -19.38
CA GLY D 51 -10.87 12.77 -18.38
C GLY D 51 -9.88 12.81 -17.24
N TYR D 52 -8.80 13.57 -17.38
CA TYR D 52 -7.79 13.75 -16.35
C TYR D 52 -8.13 15.00 -15.55
N VAL D 53 -8.23 14.87 -14.23
CA VAL D 53 -8.62 16.00 -13.40
C VAL D 53 -7.42 16.72 -12.77
N GLY D 54 -6.23 16.12 -12.79
CA GLY D 54 -5.03 16.82 -12.37
C GLY D 54 -4.43 17.63 -13.52
N LEU D 55 -3.33 18.32 -13.19
CA LEU D 55 -2.60 19.12 -14.17
C LEU D 55 -1.11 18.85 -14.04
N TRP D 56 -0.48 18.50 -15.17
CA TRP D 56 0.98 18.40 -15.24
C TRP D 56 1.64 19.71 -15.61
N THR D 57 0.85 20.68 -16.10
CA THR D 57 1.36 21.94 -16.62
C THR D 57 0.31 23.02 -16.38
N GLY D 58 0.73 24.17 -15.87
CA GLY D 58 -0.23 25.25 -15.69
C GLY D 58 0.41 26.50 -15.14
N GLN D 59 -0.41 27.55 -15.11
CA GLN D 59 0.03 28.85 -14.61
C GLN D 59 -1.08 29.46 -13.75
N SER D 60 -0.67 30.08 -12.66
CA SER D 60 -1.55 30.97 -11.90
C SER D 60 -1.21 32.40 -12.30
N PRO D 61 -2.07 33.09 -13.04
CA PRO D 61 -1.66 34.37 -13.66
C PRO D 61 -1.14 35.37 -12.64
N HIS D 62 -0.02 36.00 -12.98
CA HIS D 62 0.65 37.00 -12.16
C HIS D 62 1.21 36.43 -10.86
N LYS D 63 1.27 35.11 -10.72
CA LYS D 63 1.75 34.49 -9.48
C LYS D 63 2.86 33.47 -9.75
N PHE D 64 2.56 32.38 -10.45
CA PHE D 64 3.60 31.37 -10.65
C PHE D 64 3.17 30.38 -11.72
N THR D 65 4.16 29.66 -12.24
CA THR D 65 4.00 28.61 -13.23
C THR D 65 4.57 27.31 -12.68
N ILE D 66 3.94 26.18 -13.01
CA ILE D 66 4.34 24.87 -12.52
C ILE D 66 4.34 23.88 -13.67
N SER D 67 5.39 23.05 -13.74
CA SER D 67 5.34 21.82 -14.52
C SER D 67 5.94 20.69 -13.69
N GLY D 68 5.48 19.48 -13.98
CA GLY D 68 6.01 18.27 -13.35
C GLY D 68 6.64 17.35 -14.37
N ASP D 69 7.75 16.71 -13.98
CA ASP D 69 8.41 15.67 -14.75
C ASP D 69 8.45 14.40 -13.93
N GLU D 70 8.19 13.25 -14.57
CA GLU D 70 8.17 12.01 -13.83
C GLU D 70 9.55 11.68 -13.28
N ARG D 71 9.58 10.96 -12.15
CA ARG D 71 10.80 10.55 -11.48
C ARG D 71 10.61 9.10 -11.07
N ASP D 72 11.29 8.18 -11.76
CA ASP D 72 11.04 6.75 -11.60
C ASP D 72 12.26 6.13 -10.93
N LYS D 73 12.09 5.67 -9.70
CA LYS D 73 13.13 4.97 -8.96
C LYS D 73 12.83 3.50 -8.80
N GLY D 74 11.88 2.97 -9.57
CA GLY D 74 11.56 1.56 -9.55
C GLY D 74 10.30 1.26 -8.75
N TRP D 75 9.62 0.17 -9.12
CA TRP D 75 8.44 -0.30 -8.40
C TRP D 75 7.37 0.78 -8.32
N TRP D 76 7.23 1.57 -9.38
CA TRP D 76 6.34 2.73 -9.33
C TRP D 76 4.95 2.36 -8.82
N TRP D 77 4.31 1.37 -9.44
CA TRP D 77 2.93 1.05 -9.10
C TRP D 77 2.83 0.47 -7.69
N GLU D 78 3.78 -0.37 -7.30
CA GLU D 78 3.76 -0.96 -5.96
C GLU D 78 3.75 0.13 -4.89
N ASN D 79 4.74 1.03 -4.94
CA ASN D 79 4.80 2.10 -3.94
C ASN D 79 3.62 3.05 -4.06
N MET D 80 3.09 3.25 -5.28
CA MET D 80 1.90 4.06 -5.45
C MET D 80 0.77 3.55 -4.56
N ILE D 81 0.44 2.26 -4.67
CA ILE D 81 -0.59 1.66 -3.82
C ILE D 81 -0.30 1.96 -2.35
N ALA D 82 0.98 1.91 -1.96
CA ALA D 82 1.34 2.02 -0.56
C ALA D 82 1.00 3.40 0.01
N ALA D 83 0.99 4.43 -0.82
CA ALA D 83 0.89 5.80 -0.34
C ALA D 83 -0.54 6.29 -0.14
N LEU D 84 -1.54 5.55 -0.61
CA LEU D 84 -2.93 6.02 -0.48
C LEU D 84 -3.34 6.10 0.97
N SER D 85 -3.13 5.02 1.74
CA SER D 85 -3.68 4.93 3.08
C SER D 85 -3.20 6.06 3.98
N LEU D 86 -2.09 6.69 3.67
CA LEU D 86 -1.56 7.79 4.47
C LEU D 86 -2.14 9.14 4.08
N GLY D 87 -3.15 9.17 3.22
CA GLY D 87 -3.69 10.43 2.76
C GLY D 87 -2.78 11.19 1.82
N HIS D 88 -1.85 10.50 1.16
CA HIS D 88 -0.93 11.16 0.26
C HIS D 88 -1.64 11.58 -1.02
N SER D 89 -1.03 12.54 -1.72
CA SER D 89 -1.68 13.21 -2.83
C SER D 89 -1.14 12.73 -4.18
N PRO D 90 -2.00 12.58 -5.19
CA PRO D 90 -1.48 12.38 -6.54
C PRO D 90 -0.64 13.57 -6.98
N ILE D 91 0.34 13.29 -7.83
CA ILE D 91 1.30 14.31 -8.28
C ILE D 91 0.57 15.48 -8.91
N SER D 92 -0.23 15.19 -9.93
CA SER D 92 -0.86 16.25 -10.73
C SER D 92 -2.01 16.91 -10.00
N TRP D 93 -2.62 16.23 -9.05
CA TRP D 93 -3.64 16.86 -8.24
C TRP D 93 -3.04 17.95 -7.37
N LEU D 94 -1.87 17.67 -6.78
CA LEU D 94 -1.20 18.69 -5.99
C LEU D 94 -0.86 19.91 -6.84
N ILE D 95 -0.41 19.70 -8.08
CA ILE D 95 -0.15 20.82 -8.97
C ILE D 95 -1.41 21.66 -9.14
N ARG D 96 -2.53 21.01 -9.45
CA ARG D 96 -3.76 21.76 -9.68
C ARG D 96 -4.19 22.52 -8.43
N LYS D 97 -4.18 21.86 -7.27
CA LYS D 97 -4.61 22.53 -6.04
C LYS D 97 -3.69 23.69 -5.69
N THR D 98 -2.40 23.57 -6.03
CA THR D 98 -1.47 24.66 -5.79
C THR D 98 -1.79 25.85 -6.69
N LEU D 99 -1.99 25.59 -7.98
CA LEU D 99 -2.41 26.65 -8.89
C LEU D 99 -3.70 27.31 -8.42
N SER D 100 -4.58 26.54 -7.78
CA SER D 100 -5.88 27.05 -7.38
C SER D 100 -5.79 27.88 -6.10
N GLU D 101 -4.98 27.44 -5.14
CA GLU D 101 -5.07 27.95 -3.77
C GLU D 101 -3.86 28.77 -3.34
N SER D 102 -2.68 28.53 -3.89
CA SER D 102 -1.49 29.23 -3.44
C SER D 102 -1.42 30.62 -4.04
N GLU D 103 -1.12 31.61 -3.21
CA GLU D 103 -1.15 33.02 -3.61
C GLU D 103 0.20 33.56 -4.03
N SER D 104 1.28 32.85 -3.76
CA SER D 104 2.60 33.37 -4.05
C SER D 104 3.52 32.23 -4.48
N PHE D 105 4.61 32.62 -5.14
CA PHE D 105 5.67 31.67 -5.44
C PHE D 105 6.15 30.95 -4.18
N GLU D 106 6.38 31.71 -3.10
CA GLU D 106 6.85 31.12 -1.85
C GLU D 106 5.87 30.05 -1.36
N ALA D 107 4.58 30.34 -1.39
CA ALA D 107 3.58 29.39 -0.91
C ALA D 107 3.53 28.15 -1.80
N ALA D 108 3.62 28.33 -3.12
CA ALA D 108 3.57 27.18 -4.02
C ALA D 108 4.76 26.25 -3.76
N VAL D 109 5.96 26.83 -3.64
CA VAL D 109 7.14 26.03 -3.39
C VAL D 109 6.98 25.23 -2.10
N TYR D 110 6.45 25.87 -1.05
CA TYR D 110 6.30 25.21 0.24
C TYR D 110 5.41 23.98 0.12
N THR D 111 4.21 24.15 -0.46
CA THR D 111 3.29 23.02 -0.52
C THR D 111 3.76 21.96 -1.50
N LEU D 112 4.41 22.37 -2.60
CA LEU D 112 4.95 21.39 -3.54
C LEU D 112 6.12 20.62 -2.94
N ALA D 113 6.87 21.25 -2.03
CA ALA D 113 8.02 20.57 -1.43
C ALA D 113 7.63 19.63 -0.30
N LYS D 114 6.56 19.94 0.45
CA LYS D 114 6.29 19.25 1.70
C LYS D 114 5.09 18.31 1.67
N THR D 115 4.15 18.50 0.76
CA THR D 115 2.96 17.64 0.77
C THR D 115 3.34 16.20 0.44
N PRO D 116 2.93 15.22 1.25
CA PRO D 116 3.23 13.82 0.90
C PRO D 116 2.57 13.42 -0.41
N LEU D 117 3.31 12.66 -1.21
CA LEU D 117 2.90 12.27 -2.54
C LEU D 117 2.78 10.75 -2.64
N ILE D 118 1.99 10.30 -3.62
CA ILE D 118 1.90 8.87 -3.90
C ILE D 118 3.06 8.37 -4.76
N ALA D 119 3.90 9.27 -5.24
CA ALA D 119 5.05 8.89 -6.08
C ALA D 119 6.07 10.01 -6.06
N ASP D 120 7.32 9.66 -6.42
CA ASP D 120 8.35 10.67 -6.63
C ASP D 120 8.03 11.52 -7.86
N VAL D 121 8.62 12.71 -7.92
CA VAL D 121 8.39 13.62 -9.04
C VAL D 121 9.43 14.74 -8.99
N TYR D 122 9.61 15.42 -10.11
CA TYR D 122 10.27 16.72 -10.15
C TYR D 122 9.22 17.79 -10.38
N TYR D 123 9.18 18.78 -9.50
CA TYR D 123 8.36 19.97 -9.68
C TYR D 123 9.26 21.13 -10.06
N ILE D 124 8.94 21.77 -11.17
CA ILE D 124 9.66 22.96 -11.63
C ILE D 124 8.70 24.14 -11.49
N VAL D 125 9.13 25.16 -10.78
CA VAL D 125 8.28 26.30 -10.42
C VAL D 125 8.96 27.58 -10.87
N GLY D 126 8.21 28.44 -11.54
CA GLY D 126 8.67 29.77 -11.87
C GLY D 126 7.75 30.82 -11.27
N GLY D 127 8.35 31.88 -10.75
CA GLY D 127 7.58 32.96 -10.15
C GLY D 127 7.51 34.16 -11.07
N THR D 128 7.57 35.34 -10.48
CA THR D 128 7.57 36.59 -11.22
C THR D 128 8.73 37.53 -10.88
N SER D 129 9.38 37.36 -9.74
CA SER D 129 10.47 38.22 -9.34
C SER D 129 11.82 37.57 -9.63
N PRO D 130 12.89 38.35 -9.70
CA PRO D 130 14.23 37.77 -9.86
C PRO D 130 14.48 36.66 -8.85
N LYS D 131 15.15 35.61 -9.32
CA LYS D 131 15.56 34.44 -8.56
C LYS D 131 14.41 33.47 -8.30
N GLU D 132 13.17 33.79 -8.71
CA GLU D 132 12.02 32.92 -8.43
C GLU D 132 11.94 31.84 -9.50
N GLY D 133 12.82 30.86 -9.37
CA GLY D 133 12.80 29.68 -10.19
C GLY D 133 13.45 28.55 -9.43
N VAL D 134 12.87 27.34 -9.48
CA VAL D 134 13.37 26.26 -8.65
C VAL D 134 12.97 24.93 -9.26
N VAL D 135 13.85 23.95 -9.12
CA VAL D 135 13.54 22.54 -9.35
C VAL D 135 13.43 21.89 -7.98
N ILE D 136 12.28 21.31 -7.69
CA ILE D 136 12.04 20.57 -6.46
C ILE D 136 12.08 19.08 -6.80
N THR D 137 13.10 18.37 -6.32
CA THR D 137 13.17 16.93 -6.51
C THR D 137 12.47 16.26 -5.33
N ARG D 138 11.38 15.56 -5.61
CA ARG D 138 10.50 15.05 -4.57
C ARG D 138 10.70 13.56 -4.34
N ASP D 139 10.96 13.19 -3.09
CA ASP D 139 10.60 11.88 -2.58
C ASP D 139 9.13 11.90 -2.16
N ARG D 140 8.58 10.72 -1.89
CA ARG D 140 7.16 10.63 -1.54
C ARG D 140 6.87 11.35 -0.24
N GLY D 141 7.78 11.29 0.73
CA GLY D 141 7.55 11.91 2.02
C GLY D 141 7.97 13.36 2.16
N GLY D 142 8.72 13.89 1.20
CA GLY D 142 9.21 15.24 1.29
C GLY D 142 10.27 15.51 0.24
N PRO D 143 10.93 16.67 0.33
CA PRO D 143 11.90 17.04 -0.72
C PRO D 143 13.23 16.34 -0.53
N ALA D 144 13.76 15.84 -1.66
CA ALA D 144 15.12 15.33 -1.69
C ALA D 144 16.14 16.42 -2.00
N ASP D 145 15.72 17.49 -2.68
CA ASP D 145 16.62 18.54 -3.11
C ASP D 145 15.81 19.74 -3.57
N ILE D 146 16.27 20.94 -3.21
CA ILE D 146 15.72 22.19 -3.73
C ILE D 146 16.84 22.90 -4.49
N TRP D 147 16.58 23.25 -5.74
CA TRP D 147 17.61 23.76 -6.65
C TRP D 147 17.13 25.07 -7.26
N PRO D 148 17.36 26.19 -6.59
CA PRO D 148 16.91 27.48 -7.12
C PRO D 148 17.86 28.05 -8.16
N LEU D 149 17.36 29.00 -8.93
CA LEU D 149 18.22 29.82 -9.77
C LEU D 149 19.24 30.56 -8.92
N ASP D 150 20.38 30.87 -9.52
CA ASP D 150 21.43 31.66 -8.86
C ASP D 150 22.08 32.55 -9.92
N PRO D 151 21.33 33.53 -10.44
CA PRO D 151 21.87 34.35 -11.54
C PRO D 151 23.07 35.17 -11.17
N LEU D 152 23.20 35.59 -9.91
CA LEU D 152 24.38 36.35 -9.50
C LEU D 152 25.66 35.60 -9.84
N ASN D 153 25.64 34.28 -9.69
CA ASN D 153 26.78 33.43 -9.99
C ASN D 153 26.70 32.82 -11.39
N GLY D 154 25.91 33.43 -12.27
CA GLY D 154 25.83 32.99 -13.64
C GLY D 154 24.91 31.83 -13.91
N GLU D 155 24.15 31.37 -12.91
CA GLU D 155 23.26 30.23 -13.07
C GLU D 155 21.85 30.77 -13.26
N TRP D 156 21.59 31.20 -14.50
CA TRP D 156 20.36 31.89 -14.84
C TRP D 156 19.29 30.97 -15.41
N PHE D 157 19.57 29.67 -15.54
CA PHE D 157 18.56 28.70 -15.94
C PHE D 157 18.76 27.41 -15.17
N ARG D 158 17.68 26.63 -15.07
CA ARG D 158 17.69 25.27 -14.54
C ARG D 158 16.97 24.37 -15.53
N VAL D 159 17.63 23.27 -15.91
CA VAL D 159 17.06 22.27 -16.80
C VAL D 159 16.80 21.00 -15.98
N GLU D 160 15.63 20.42 -16.17
CA GLU D 160 15.27 19.13 -15.58
C GLU D 160 14.64 18.26 -16.65
N THR D 161 15.12 17.03 -16.79
CA THR D 161 14.42 16.06 -17.63
C THR D 161 13.78 15.05 -16.71
N ASN D 162 14.36 13.87 -16.51
CA ASN D 162 13.77 12.86 -15.65
C ASN D 162 14.80 12.25 -14.70
N TYR D 163 15.91 12.93 -14.48
CA TYR D 163 17.01 12.42 -13.67
C TYR D 163 17.44 13.46 -12.65
N ASP D 164 18.08 12.99 -11.59
CA ASP D 164 18.51 13.88 -10.52
C ASP D 164 19.63 14.77 -11.02
N HIS D 165 19.48 16.08 -10.83
CA HIS D 165 20.37 17.02 -11.50
C HIS D 165 21.81 16.95 -11.01
N TRP D 166 22.03 16.40 -9.82
CA TRP D 166 23.38 16.29 -9.28
C TRP D 166 24.09 15.03 -9.75
N LYS D 167 23.43 14.19 -10.53
CA LYS D 167 24.01 13.03 -11.14
C LYS D 167 24.11 13.23 -12.65
N PRO D 168 25.02 12.55 -13.34
CA PRO D 168 25.05 12.63 -14.80
C PRO D 168 23.79 12.02 -15.39
N ALA D 169 23.34 12.61 -16.49
CA ALA D 169 22.21 12.04 -17.21
C ALA D 169 22.68 10.79 -17.94
N PRO D 170 21.82 9.77 -18.07
CA PRO D 170 22.25 8.55 -18.74
C PRO D 170 22.58 8.82 -20.20
N LYS D 171 23.71 8.28 -20.65
CA LYS D 171 24.14 8.51 -22.03
C LYS D 171 23.11 8.00 -23.02
N VAL D 172 22.29 7.02 -22.63
CA VAL D 172 21.24 6.51 -23.51
C VAL D 172 20.03 7.42 -23.57
N ASP D 173 19.89 8.39 -22.65
CA ASP D 173 18.76 9.30 -22.64
C ASP D 173 19.21 10.64 -22.06
N ASP D 174 20.09 11.33 -22.79
CA ASP D 174 20.64 12.61 -22.34
C ASP D 174 20.00 13.72 -23.16
N ARG D 175 18.85 14.18 -22.70
CA ARG D 175 18.22 15.38 -23.23
C ARG D 175 18.59 16.63 -22.44
N ARG D 176 19.25 16.46 -21.29
CA ARG D 176 19.67 17.58 -20.46
C ARG D 176 20.78 18.37 -21.14
N THR D 177 21.85 17.70 -21.57
CA THR D 177 23.00 18.40 -22.11
C THR D 177 22.65 19.23 -23.33
N PRO D 178 21.95 18.72 -24.35
CA PRO D 178 21.60 19.59 -25.47
C PRO D 178 20.76 20.79 -25.05
N ALA D 179 19.91 20.66 -24.04
CA ALA D 179 19.13 21.81 -23.59
C ALA D 179 20.02 22.85 -22.93
N ILE D 180 20.94 22.42 -22.07
CA ILE D 180 21.91 23.35 -21.48
C ILE D 180 22.70 24.06 -22.57
N LYS D 181 23.27 23.29 -23.51
CA LYS D 181 24.06 23.91 -24.56
C LYS D 181 23.25 24.91 -25.36
N ALA D 182 21.99 24.55 -25.67
CA ALA D 182 21.13 25.45 -26.43
C ALA D 182 20.85 26.73 -25.66
N LEU D 183 20.60 26.62 -24.35
CA LEU D 183 20.40 27.80 -23.52
C LEU D 183 21.67 28.63 -23.41
N ASN D 184 22.80 27.95 -23.21
CA ASN D 184 24.10 28.62 -23.27
C ASN D 184 24.25 29.43 -24.54
N ALA D 185 23.93 28.81 -25.68
CA ALA D 185 24.11 29.49 -26.96
C ALA D 185 23.14 30.64 -27.14
N THR D 186 21.97 30.58 -26.48
CA THR D 186 21.01 31.65 -26.60
C THR D 186 21.48 32.89 -25.86
N GLY D 187 21.93 32.73 -24.63
CA GLY D 187 22.35 33.84 -23.81
C GLY D 187 21.24 34.42 -22.97
N GLN D 188 21.58 34.85 -21.75
CA GLN D 188 20.59 35.45 -20.86
C GLN D 188 19.93 36.67 -21.50
N ALA D 189 20.66 37.41 -22.34
CA ALA D 189 20.12 38.62 -22.95
C ALA D 189 19.15 38.36 -24.09
N HIS D 190 19.10 37.15 -24.62
CA HIS D 190 18.18 36.81 -25.71
C HIS D 190 17.13 35.80 -25.28
N LEU D 191 16.98 35.56 -23.98
CA LEU D 191 15.98 34.63 -23.48
C LEU D 191 14.62 35.30 -23.48
N ASN D 192 13.65 34.67 -24.16
CA ASN D 192 12.25 35.03 -24.08
C ASN D 192 11.43 33.81 -24.44
N LEU D 193 10.11 33.96 -24.52
CA LEU D 193 9.25 32.84 -24.81
C LEU D 193 9.52 32.24 -26.18
N GLU D 194 9.94 33.06 -27.15
CA GLU D 194 10.22 32.54 -28.49
C GLU D 194 11.50 31.72 -28.50
N THR D 195 12.60 32.27 -27.98
CA THR D 195 13.84 31.52 -27.98
C THR D 195 13.75 30.32 -27.07
N LEU D 196 12.93 30.38 -26.02
CA LEU D 196 12.73 29.22 -25.16
C LEU D 196 11.97 28.13 -25.91
N PHE D 197 10.93 28.52 -26.65
CA PHE D 197 10.22 27.57 -27.49
C PHE D 197 11.17 26.86 -28.46
N GLN D 198 12.12 27.62 -29.02
CA GLN D 198 13.10 27.02 -29.95
C GLN D 198 13.99 26.01 -29.26
N VAL D 199 14.43 26.31 -28.03
CA VAL D 199 15.20 25.33 -27.27
C VAL D 199 14.41 24.05 -27.10
N LEU D 200 13.13 24.18 -26.78
CA LEU D 200 12.24 23.02 -26.64
C LEU D 200 11.83 22.41 -27.98
N SER D 201 12.32 22.92 -29.10
CA SER D 201 12.09 22.32 -30.41
C SER D 201 13.31 21.57 -30.94
N LEU D 202 14.43 21.62 -30.20
CA LEU D 202 15.66 20.95 -30.59
C LEU D 202 15.57 19.46 -30.29
N PHE D 203 15.95 18.63 -31.26
CA PHE D 203 16.12 17.21 -31.00
C PHE D 203 17.36 17.04 -30.13
N PRO D 204 17.32 16.13 -29.14
CA PRO D 204 16.24 15.22 -28.70
C PRO D 204 15.34 15.75 -27.59
N VAL D 205 15.51 17.03 -27.24
CA VAL D 205 14.59 17.64 -26.27
C VAL D 205 13.18 17.54 -26.78
N TYR D 206 12.99 17.83 -28.06
CA TYR D 206 11.79 17.52 -28.82
C TYR D 206 12.07 16.22 -29.56
N ASN D 207 11.23 15.20 -29.35
CA ASN D 207 11.48 13.88 -29.91
C ASN D 207 10.15 13.24 -30.30
N SER D 208 10.23 12.01 -30.80
CA SER D 208 9.03 11.32 -31.28
C SER D 208 8.03 11.02 -30.16
N TYR D 209 8.42 11.13 -28.89
CA TYR D 209 7.49 10.91 -27.80
C TYR D 209 6.81 12.19 -27.32
N THR D 210 7.23 13.36 -27.80
CA THR D 210 6.71 14.61 -27.29
C THR D 210 5.25 14.78 -27.71
N ILE D 211 4.37 14.93 -26.71
CA ILE D 211 2.96 15.18 -26.96
C ILE D 211 2.71 16.66 -27.19
N TYR D 212 3.22 17.51 -26.33
CA TYR D 212 3.03 18.94 -26.48
C TYR D 212 4.19 19.69 -25.86
N THR D 213 4.38 20.91 -26.36
CA THR D 213 5.32 21.89 -25.85
C THR D 213 4.53 23.08 -25.31
N THR D 214 4.84 23.50 -24.09
CA THR D 214 4.22 24.67 -23.48
C THR D 214 5.29 25.67 -23.09
N VAL D 215 5.07 26.94 -23.40
CA VAL D 215 5.87 28.03 -22.86
C VAL D 215 4.95 29.00 -22.14
N MET D 216 5.46 29.59 -21.06
CA MET D 216 4.63 30.43 -20.22
C MET D 216 5.50 31.32 -19.34
N SER D 217 4.88 32.36 -18.81
CA SER D 217 5.53 33.30 -17.92
C SER D 217 4.44 33.95 -17.06
N ALA D 218 4.48 33.70 -15.76
CA ALA D 218 3.43 34.18 -14.88
C ALA D 218 3.21 35.68 -15.00
N ALA D 219 4.27 36.44 -15.28
CA ALA D 219 4.15 37.89 -15.41
C ALA D 219 3.43 38.31 -16.67
N GLU D 220 3.37 37.43 -17.67
CA GLU D 220 2.68 37.70 -18.93
C GLU D 220 1.69 36.57 -19.19
N PRO D 221 0.65 36.46 -18.37
CA PRO D 221 -0.23 35.28 -18.45
C PRO D 221 -0.91 35.11 -19.79
N ASP D 222 -1.06 36.20 -20.56
CA ASP D 222 -1.72 36.10 -21.87
C ASP D 222 -0.85 35.44 -22.92
N LYS D 223 0.43 35.22 -22.64
CA LYS D 223 1.33 34.58 -23.60
C LYS D 223 1.40 33.07 -23.45
N TYR D 224 0.63 32.48 -22.52
CA TYR D 224 0.62 31.04 -22.35
C TYR D 224 0.32 30.36 -23.68
N LEU D 225 1.19 29.43 -24.07
CA LEU D 225 1.09 28.82 -25.39
C LEU D 225 1.47 27.37 -25.31
N THR D 226 0.54 26.49 -25.69
CA THR D 226 0.80 25.08 -25.86
C THR D 226 0.66 24.73 -27.33
N MET D 227 1.66 24.02 -27.86
CA MET D 227 1.65 23.51 -29.22
C MET D 227 1.62 21.99 -29.15
N ILE D 228 0.59 21.38 -29.73
CA ILE D 228 0.54 19.94 -29.85
C ILE D 228 1.54 19.52 -30.93
N ARG D 229 2.30 18.46 -30.65
CA ARG D 229 3.34 18.00 -31.55
C ARG D 229 2.93 16.72 -32.28
N ASN D 230 3.47 16.54 -33.47
CA ASN D 230 3.28 15.33 -34.27
C ASN D 230 1.81 14.93 -34.34
#